data_6A0U
#
_entry.id   6A0U
#
_cell.length_a   119.675
_cell.length_b   119.675
_cell.length_c   143.714
_cell.angle_alpha   90.00
_cell.angle_beta   90.00
_cell.angle_gamma   120.00
#
_symmetry.space_group_name_H-M   'P 32 2 1'
#
loop_
_entity.id
_entity.type
_entity.pdbx_description
1 polymer 'Homoserine dehydrogenase'
2 non-polymer 'SODIUM ION'
3 non-polymer 'NADP NICOTINAMIDE-ADENINE-DINUCLEOTIDE PHOSPHATE'
4 non-polymer 'FORMIC ACID'
5 non-polymer L-HOMOSERINE
6 non-polymer '3-CYCLOHEXYL-1-PROPYLSULFONIC ACID'
7 non-polymer GLYCEROL
8 non-polymer 'UNKNOWN LIGAND'
9 water water
#
_entity_poly.entity_id   1
_entity_poly.type   'polypeptide(L)'
_entity_poly.pdbx_seq_one_letter_code
;MEALKIALLGGGTVGSAFYNLVLERAEELSAFGVVPRFLGVLVRDPRKPRAIPQELLRAEPFDLLEADLVVEAMGGVEAP
LRLVLPALEAGIPLITANKALLAEAWESLRPFAEEGLIYHEASVMAGTPALSFLETLRGSELLELHGILNGTTLYILQEM
EKGRTYAEALLEAQRLGYAEADPTLDVEGIDAAHKLTLLARLLVDPGFPFAEVEAQGIARLTPEVLQKAEARGERVRLVA
SLFGEGGRWRAAVAPRRLPQDHPLARARGNALWVRARPLGEAFVTGPGAGGGATASGLFADLLRFLSGAPGHLPAPRARP
PLEEGSPWPGVE
;
_entity_poly.pdbx_strand_id   B,A
#
loop_
_chem_comp.id
_chem_comp.type
_chem_comp.name
_chem_comp.formula
CXS non-polymer '3-CYCLOHEXYL-1-PROPYLSULFONIC ACID' 'C9 H19 N O3 S'
FMT non-polymer 'FORMIC ACID' 'C H2 O2'
GOL non-polymer GLYCEROL 'C3 H8 O3'
NA non-polymer 'SODIUM ION' 'Na 1'
NAP non-polymer 'NADP NICOTINAMIDE-ADENINE-DINUCLEOTIDE PHOSPHATE' 'C21 H28 N7 O17 P3'
UNL non-polymer 'UNKNOWN LIGAND' ?
#
# COMPACT_ATOMS: atom_id res chain seq x y z
N MET A 1 -5.49 -20.01 -22.49
CA MET A 1 -6.35 -19.95 -21.25
C MET A 1 -6.06 -21.23 -20.45
N GLU A 2 -6.01 -21.17 -19.12
CA GLU A 2 -5.73 -22.35 -18.29
C GLU A 2 -6.66 -22.46 -17.11
N ALA A 3 -6.82 -23.68 -16.63
CA ALA A 3 -7.62 -23.90 -15.38
C ALA A 3 -6.70 -23.53 -14.20
N LEU A 4 -7.28 -22.87 -13.21
CA LEU A 4 -6.56 -22.53 -11.98
C LEU A 4 -7.30 -23.40 -10.90
N LYS A 5 -6.71 -24.49 -10.51
CA LYS A 5 -7.38 -25.39 -9.62
C LYS A 5 -7.09 -24.94 -8.15
N ILE A 6 -8.13 -24.68 -7.41
CA ILE A 6 -7.94 -24.09 -6.07
C ILE A 6 -8.46 -25.09 -5.02
N ALA A 7 -7.63 -25.38 -4.06
CA ALA A 7 -8.08 -26.08 -2.77
C ALA A 7 -8.28 -25.06 -1.67
N LEU A 8 -9.52 -24.94 -1.17
CA LEU A 8 -9.84 -23.96 -0.15
C LEU A 8 -9.88 -24.75 1.22
N LEU A 9 -9.16 -24.26 2.21
CA LEU A 9 -9.26 -24.80 3.66
C LEU A 9 -9.98 -23.83 4.54
N GLY A 10 -11.23 -24.17 4.86
CA GLY A 10 -12.20 -23.30 5.54
C GLY A 10 -13.23 -22.72 4.72
N GLY A 11 -14.46 -22.83 5.21
CA GLY A 11 -15.66 -22.40 4.53
C GLY A 11 -16.60 -21.59 5.36
N GLY A 12 -15.99 -20.88 6.29
CA GLY A 12 -16.65 -19.97 7.12
C GLY A 12 -16.86 -18.57 6.55
N THR A 13 -16.86 -17.59 7.41
CA THR A 13 -17.23 -16.25 6.98
C THR A 13 -16.27 -15.79 5.80
N VAL A 14 -15.02 -16.00 6.05
CA VAL A 14 -13.96 -15.73 5.04
C VAL A 14 -13.97 -16.67 3.85
N GLY A 15 -13.81 -17.97 4.12
CA GLY A 15 -13.83 -19.02 3.08
C GLY A 15 -14.97 -18.88 2.16
N SER A 16 -16.18 -18.73 2.71
CA SER A 16 -17.33 -18.62 1.89
C SER A 16 -17.32 -17.26 1.11
N ALA A 17 -16.94 -16.17 1.76
CA ALA A 17 -16.81 -14.90 0.98
C ALA A 17 -15.78 -15.03 -0.21
N PHE A 18 -14.67 -15.68 0.01
CA PHE A 18 -13.67 -15.89 -0.96
C PHE A 18 -14.21 -16.76 -2.14
N TYR A 19 -14.88 -17.87 -1.80
CA TYR A 19 -15.48 -18.73 -2.80
C TYR A 19 -16.40 -17.97 -3.65
N ASN A 20 -17.36 -17.22 -3.11
CA ASN A 20 -18.28 -16.51 -3.94
C ASN A 20 -17.58 -15.34 -4.75
N LEU A 21 -16.63 -14.69 -4.10
CA LEU A 21 -15.88 -13.59 -4.80
C LEU A 21 -15.14 -14.09 -6.07
N VAL A 22 -14.43 -15.19 -5.95
CA VAL A 22 -13.74 -15.83 -7.05
C VAL A 22 -14.67 -16.12 -8.23
N LEU A 23 -15.81 -16.71 -7.95
CA LEU A 23 -16.74 -17.05 -9.02
C LEU A 23 -17.39 -15.85 -9.56
N GLU A 24 -17.73 -14.89 -8.69
CA GLU A 24 -18.34 -13.66 -9.14
C GLU A 24 -17.39 -12.84 -10.09
N ARG A 25 -16.10 -13.00 -9.93
CA ARG A 25 -15.08 -12.25 -10.70
C ARG A 25 -14.41 -13.14 -11.69
N ALA A 26 -15.07 -14.22 -12.18
CA ALA A 26 -14.39 -15.11 -13.10
C ALA A 26 -14.09 -14.37 -14.46
N GLU A 27 -14.87 -13.35 -14.80
CA GLU A 27 -14.59 -12.56 -16.05
C GLU A 27 -13.22 -11.83 -15.90
N GLU A 28 -12.99 -11.24 -14.75
CA GLU A 28 -11.69 -10.71 -14.47
C GLU A 28 -10.60 -11.74 -14.54
N LEU A 29 -10.83 -12.92 -14.00
CA LEU A 29 -9.86 -13.89 -14.03
C LEU A 29 -9.50 -14.37 -15.45
N SER A 30 -10.51 -14.44 -16.32
CA SER A 30 -10.28 -14.81 -17.67
C SER A 30 -9.32 -13.78 -18.34
N ALA A 31 -9.44 -12.50 -18.03
CA ALA A 31 -8.50 -11.48 -18.56
C ALA A 31 -7.09 -11.73 -18.01
N PHE A 32 -6.96 -12.35 -16.81
CA PHE A 32 -5.68 -12.84 -16.34
C PHE A 32 -5.27 -14.17 -16.93
N GLY A 33 -6.00 -14.78 -17.86
CA GLY A 33 -5.63 -16.06 -18.43
C GLY A 33 -6.14 -17.39 -17.81
N VAL A 34 -7.08 -17.31 -16.85
CA VAL A 34 -7.43 -18.51 -16.13
C VAL A 34 -8.92 -18.64 -15.93
N VAL A 35 -9.38 -19.88 -15.65
CA VAL A 35 -10.77 -20.12 -15.26
C VAL A 35 -10.63 -20.81 -13.86
N PRO A 36 -11.37 -20.31 -12.89
CA PRO A 36 -11.19 -20.84 -11.53
C PRO A 36 -12.02 -22.12 -11.31
N ARG A 37 -11.41 -23.10 -10.74
CA ARG A 37 -12.06 -24.37 -10.49
C ARG A 37 -11.64 -24.82 -9.05
N PHE A 38 -12.59 -24.85 -8.14
CA PHE A 38 -12.36 -25.36 -6.77
C PHE A 38 -12.36 -26.88 -6.75
N LEU A 39 -11.29 -27.46 -6.29
CA LEU A 39 -11.19 -28.89 -6.02
C LEU A 39 -12.04 -29.38 -4.85
N GLY A 40 -12.25 -28.51 -3.88
CA GLY A 40 -12.90 -28.90 -2.61
C GLY A 40 -12.71 -27.81 -1.57
N VAL A 41 -13.64 -27.74 -0.62
CA VAL A 41 -13.57 -26.79 0.47
C VAL A 41 -13.65 -27.65 1.78
N LEU A 42 -12.59 -27.62 2.54
CA LEU A 42 -12.51 -28.27 3.90
C LEU A 42 -13.28 -27.50 4.88
N VAL A 43 -14.21 -28.19 5.56
CA VAL A 43 -15.05 -27.59 6.59
C VAL A 43 -15.11 -28.67 7.81
N ARG A 44 -16.04 -28.49 8.74
CA ARG A 44 -16.42 -29.47 9.81
C ARG A 44 -17.83 -30.10 9.60
N ASP A 45 -18.87 -29.28 9.33
CA ASP A 45 -20.21 -29.80 9.09
CA ASP A 45 -20.19 -29.81 9.10
C ASP A 45 -20.52 -29.62 7.63
N PRO A 46 -20.39 -30.71 6.81
CA PRO A 46 -20.70 -30.56 5.36
C PRO A 46 -22.20 -30.41 4.97
N ARG A 47 -23.14 -30.54 5.92
CA ARG A 47 -24.60 -30.50 5.58
C ARG A 47 -25.41 -29.29 6.17
N LYS A 48 -24.75 -28.42 6.95
CA LYS A 48 -25.44 -27.29 7.65
C LYS A 48 -25.73 -26.08 6.76
N PRO A 49 -26.16 -24.92 7.35
CA PRO A 49 -26.38 -23.84 6.39
C PRO A 49 -25.01 -23.21 5.98
N ARG A 50 -24.70 -23.15 4.67
CA ARG A 50 -23.43 -22.52 4.25
C ARG A 50 -23.54 -21.94 2.85
N ALA A 51 -22.83 -20.82 2.62
CA ALA A 51 -22.93 -20.11 1.34
C ALA A 51 -21.95 -20.64 0.33
N ILE A 52 -21.85 -21.94 0.25
CA ILE A 52 -21.09 -22.63 -0.78
C ILE A 52 -21.91 -23.91 -1.15
N PRO A 53 -21.89 -24.28 -2.46
CA PRO A 53 -22.69 -25.52 -2.82
C PRO A 53 -22.20 -26.73 -2.05
N GLN A 54 -23.17 -27.51 -1.51
CA GLN A 54 -22.82 -28.62 -0.61
C GLN A 54 -21.89 -29.63 -1.15
N GLU A 55 -22.00 -29.94 -2.48
CA GLU A 55 -21.11 -30.96 -3.03
C GLU A 55 -19.69 -30.62 -3.09
N LEU A 56 -19.35 -29.32 -3.01
CA LEU A 56 -17.92 -28.97 -2.86
C LEU A 56 -17.29 -29.18 -1.50
N LEU A 57 -18.13 -29.28 -0.49
CA LEU A 57 -17.63 -29.42 0.94
C LEU A 57 -17.02 -30.71 1.21
N ARG A 58 -15.94 -30.69 1.95
CA ARG A 58 -15.27 -31.87 2.36
C ARG A 58 -15.17 -31.80 3.89
N ALA A 59 -15.71 -32.80 4.57
CA ALA A 59 -15.66 -32.82 6.05
C ALA A 59 -14.44 -33.59 6.46
N GLU A 60 -13.68 -34.13 5.50
CA GLU A 60 -12.37 -34.72 5.80
C GLU A 60 -11.25 -34.18 4.89
N PRO A 61 -9.96 -34.23 5.36
CA PRO A 61 -8.90 -33.70 4.49
C PRO A 61 -8.78 -34.42 3.21
N PHE A 62 -8.35 -33.72 2.19
CA PHE A 62 -8.31 -34.28 0.84
C PHE A 62 -6.97 -33.96 0.24
N ASP A 63 -6.57 -34.65 -0.82
CA ASP A 63 -5.20 -34.54 -1.33
C ASP A 63 -5.03 -33.15 -2.03
N LEU A 64 -3.98 -32.39 -1.74
CA LEU A 64 -3.89 -30.99 -2.20
C LEU A 64 -2.88 -30.95 -3.35
N LEU A 65 -2.23 -32.08 -3.64
CA LEU A 65 -1.14 -32.05 -4.55
C LEU A 65 -1.55 -31.86 -6.01
N GLU A 66 -2.82 -31.94 -6.32
CA GLU A 66 -3.24 -31.64 -7.67
C GLU A 66 -3.67 -30.20 -7.83
N ALA A 67 -3.72 -29.43 -6.74
CA ALA A 67 -4.05 -28.01 -6.84
C ALA A 67 -2.96 -27.17 -7.42
N ASP A 68 -3.36 -26.03 -8.03
CA ASP A 68 -2.37 -25.03 -8.44
C ASP A 68 -2.12 -24.03 -7.32
N LEU A 69 -3.13 -23.86 -6.45
CA LEU A 69 -3.01 -23.01 -5.33
C LEU A 69 -3.78 -23.63 -4.12
N VAL A 70 -3.24 -23.41 -2.92
CA VAL A 70 -4.01 -23.63 -1.68
C VAL A 70 -4.35 -22.30 -1.01
N VAL A 71 -5.63 -22.06 -0.73
CA VAL A 71 -6.13 -20.90 -0.04
C VAL A 71 -6.57 -21.39 1.37
N GLU A 72 -6.04 -20.76 2.43
CA GLU A 72 -6.41 -21.18 3.88
C GLU A 72 -7.00 -20.03 4.66
N ALA A 73 -8.13 -20.26 5.27
CA ALA A 73 -8.74 -19.38 6.20
C ALA A 73 -9.57 -20.27 7.20
N MET A 74 -8.85 -21.18 7.76
CA MET A 74 -9.52 -22.12 8.73
C MET A 74 -9.31 -21.77 10.22
N GLY A 75 -8.26 -21.01 10.51
CA GLY A 75 -7.99 -20.60 11.86
C GLY A 75 -7.13 -21.61 12.50
N GLY A 76 -6.60 -21.26 13.67
CA GLY A 76 -5.58 -22.11 14.24
C GLY A 76 -4.24 -22.21 13.68
N VAL A 77 -3.46 -23.13 14.24
CA VAL A 77 -2.07 -23.25 13.90
C VAL A 77 -1.67 -24.59 13.44
N GLU A 78 -1.73 -25.62 14.32
CA GLU A 78 -1.05 -26.83 13.93
C GLU A 78 -1.92 -27.60 12.85
N ALA A 79 -3.21 -27.51 12.91
CA ALA A 79 -4.04 -28.30 11.95
C ALA A 79 -3.78 -27.66 10.48
N PRO A 80 -3.89 -26.32 10.34
CA PRO A 80 -3.59 -25.82 8.93
C PRO A 80 -2.20 -26.05 8.55
N LEU A 81 -1.31 -25.97 9.52
CA LEU A 81 0.05 -26.20 9.19
C LEU A 81 0.30 -27.58 8.59
N ARG A 82 -0.23 -28.61 9.26
CA ARG A 82 0.05 -29.91 8.75
C ARG A 82 -0.65 -30.13 7.33
N LEU A 83 -1.80 -29.50 7.16
CA LEU A 83 -2.56 -29.60 5.92
C LEU A 83 -1.72 -28.91 4.79
N VAL A 84 -1.21 -27.68 5.04
CA VAL A 84 -0.42 -26.94 3.98
C VAL A 84 0.99 -27.41 3.65
N LEU A 85 1.70 -27.98 4.61
CA LEU A 85 3.09 -28.28 4.38
C LEU A 85 3.37 -29.21 3.19
N PRO A 86 2.59 -30.28 3.01
CA PRO A 86 2.95 -31.12 1.79
C PRO A 86 2.76 -30.30 0.44
N ALA A 87 1.78 -29.42 0.43
CA ALA A 87 1.54 -28.55 -0.77
C ALA A 87 2.73 -27.64 -0.98
N LEU A 88 3.15 -26.96 0.09
CA LEU A 88 4.38 -26.13 0.04
C LEU A 88 5.61 -26.86 -0.40
N GLU A 89 5.77 -28.09 0.10
N GLU A 89 5.82 -28.08 0.14
CA GLU A 89 6.92 -28.94 -0.26
CA GLU A 89 7.00 -28.88 -0.25
C GLU A 89 6.94 -29.30 -1.73
C GLU A 89 6.96 -29.31 -1.72
N ALA A 90 5.76 -29.48 -2.28
CA ALA A 90 5.59 -29.72 -3.71
C ALA A 90 5.72 -28.40 -4.57
N GLY A 91 6.00 -27.25 -3.97
CA GLY A 91 6.05 -25.98 -4.73
C GLY A 91 4.70 -25.42 -5.07
N ILE A 92 3.65 -25.76 -4.36
CA ILE A 92 2.36 -25.21 -4.56
C ILE A 92 2.22 -24.04 -3.60
N PRO A 93 1.87 -22.86 -4.13
CA PRO A 93 1.73 -21.70 -3.25
C PRO A 93 0.57 -21.77 -2.34
N LEU A 94 0.74 -21.04 -1.23
CA LEU A 94 -0.25 -20.79 -0.23
C LEU A 94 -0.66 -19.33 -0.15
N ILE A 95 -1.98 -19.07 -0.14
CA ILE A 95 -2.53 -17.81 0.15
C ILE A 95 -3.29 -17.99 1.44
N THR A 96 -2.95 -17.21 2.49
CA THR A 96 -3.58 -17.35 3.79
C THR A 96 -3.97 -16.06 4.38
N ALA A 97 -5.05 -16.10 5.12
CA ALA A 97 -5.43 -15.02 5.99
C ALA A 97 -5.10 -15.30 7.50
N ASN A 98 -4.21 -16.26 7.74
CA ASN A 98 -4.11 -16.84 9.10
C ASN A 98 -2.88 -16.30 9.80
N LYS A 99 -3.03 -15.23 10.58
CA LYS A 99 -1.81 -14.64 11.18
C LYS A 99 -1.21 -15.51 12.31
N ALA A 100 -2.13 -16.25 12.97
CA ALA A 100 -1.61 -17.11 14.07
C ALA A 100 -0.66 -18.12 13.53
N LEU A 101 -1.09 -18.78 12.44
CA LEU A 101 -0.23 -19.75 11.77
C LEU A 101 1.12 -19.27 11.44
N LEU A 102 1.16 -18.11 10.73
CA LEU A 102 2.47 -17.62 10.34
C LEU A 102 3.32 -17.13 11.58
N ALA A 103 2.63 -16.50 12.54
CA ALA A 103 3.43 -15.97 13.73
C ALA A 103 4.02 -17.13 14.54
N GLU A 104 3.20 -18.19 14.71
CA GLU A 104 3.55 -19.29 15.74
C GLU A 104 4.12 -20.52 15.08
N ALA A 105 4.04 -20.69 13.74
CA ALA A 105 4.78 -21.80 13.08
C ALA A 105 5.85 -21.36 12.09
N TRP A 106 6.61 -20.33 12.44
CA TRP A 106 7.55 -19.73 11.50
C TRP A 106 8.79 -20.49 11.27
N GLU A 107 9.20 -21.26 12.26
CA GLU A 107 10.28 -22.17 12.00
C GLU A 107 10.02 -23.12 10.81
N SER A 108 8.83 -23.69 10.75
CA SER A 108 8.46 -24.51 9.58
C SER A 108 8.22 -23.71 8.27
N LEU A 109 7.63 -22.52 8.41
CA LEU A 109 7.06 -21.80 7.22
C LEU A 109 8.00 -20.78 6.62
N ARG A 110 8.96 -20.27 7.38
CA ARG A 110 9.92 -19.34 6.80
C ARG A 110 10.62 -19.75 5.53
N PRO A 111 11.13 -20.99 5.47
CA PRO A 111 11.80 -21.33 4.27
C PRO A 111 10.89 -21.22 3.03
N PHE A 112 9.59 -21.47 3.16
CA PHE A 112 8.69 -21.41 2.01
C PHE A 112 8.34 -19.95 1.72
N ALA A 113 8.13 -19.19 2.76
CA ALA A 113 8.08 -17.68 2.61
C ALA A 113 9.23 -17.07 1.86
N GLU A 114 10.42 -17.48 2.21
CA GLU A 114 11.61 -17.03 1.50
C GLU A 114 11.70 -17.44 0.04
N GLU A 115 11.04 -18.47 -0.41
N GLU A 115 11.02 -18.51 -0.31
CA GLU A 115 11.11 -18.79 -1.82
CA GLU A 115 10.95 -19.03 -1.67
C GLU A 115 9.85 -18.23 -2.49
C GLU A 115 9.93 -18.18 -2.48
N GLY A 116 9.12 -17.32 -1.82
CA GLY A 116 8.00 -16.62 -2.40
C GLY A 116 6.75 -17.47 -2.60
N LEU A 117 6.57 -18.50 -1.76
CA LEU A 117 5.39 -19.34 -1.85
C LEU A 117 4.26 -18.97 -1.00
N ILE A 118 4.42 -17.98 -0.13
CA ILE A 118 3.36 -17.63 0.78
C ILE A 118 2.89 -16.20 0.57
N TYR A 119 1.63 -16.10 0.28
CA TYR A 119 0.95 -14.81 0.09
C TYR A 119 0.02 -14.62 1.28
N HIS A 120 0.09 -13.50 1.95
CA HIS A 120 -0.64 -13.28 3.16
C HIS A 120 -1.04 -11.86 3.47
N GLU A 121 -1.42 -11.12 2.44
CA GLU A 121 -1.93 -9.79 2.67
C GLU A 121 -3.10 -9.79 3.58
N ALA A 122 -4.01 -10.81 3.41
CA ALA A 122 -5.19 -10.81 4.19
C ALA A 122 -4.96 -11.14 5.66
N SER A 123 -3.78 -11.47 6.03
CA SER A 123 -3.48 -11.83 7.45
C SER A 123 -3.21 -10.62 8.33
N VAL A 124 -3.02 -9.45 7.71
CA VAL A 124 -2.92 -8.19 8.53
C VAL A 124 -3.79 -7.16 7.98
N MET A 125 -4.75 -6.72 8.77
CA MET A 125 -5.78 -5.76 8.39
C MET A 125 -6.57 -6.15 7.15
N ALA A 126 -6.80 -7.46 6.99
CA ALA A 126 -7.72 -7.98 5.99
C ALA A 126 -7.24 -7.45 4.59
N GLY A 127 -8.17 -7.02 3.74
CA GLY A 127 -7.73 -6.63 2.39
C GLY A 127 -7.30 -5.15 2.36
N THR A 128 -7.24 -4.51 3.53
CA THR A 128 -6.53 -3.16 3.63
C THR A 128 -5.07 -3.42 3.27
N PRO A 129 -4.47 -2.58 2.40
CA PRO A 129 -3.09 -2.80 2.07
C PRO A 129 -2.14 -2.58 3.33
N ALA A 130 -1.41 -3.56 3.79
CA ALA A 130 -0.56 -3.42 4.93
C ALA A 130 0.74 -3.99 4.56
N LEU A 131 0.76 -5.24 4.07
CA LEU A 131 1.95 -5.84 3.69
C LEU A 131 2.49 -5.10 2.41
N SER A 132 1.60 -4.81 1.48
CA SER A 132 2.08 -4.16 0.18
C SER A 132 2.56 -2.73 0.56
N PHE A 133 1.88 -2.10 1.49
CA PHE A 133 2.28 -0.83 2.05
C PHE A 133 3.73 -0.89 2.58
N LEU A 134 4.05 -1.88 3.41
CA LEU A 134 5.37 -2.05 3.91
C LEU A 134 6.38 -2.42 2.89
N GLU A 135 5.97 -3.18 1.87
CA GLU A 135 6.84 -3.54 0.78
C GLU A 135 7.36 -2.24 0.03
N THR A 136 6.50 -1.28 -0.11
CA THR A 136 6.89 0.01 -0.73
C THR A 136 7.69 0.86 0.27
N LEU A 137 7.33 0.81 1.55
CA LEU A 137 8.09 1.46 2.58
C LEU A 137 9.49 0.92 2.70
N ARG A 138 9.81 -0.29 2.21
CA ARG A 138 11.19 -0.74 2.27
C ARG A 138 12.18 0.15 1.50
N GLY A 139 11.69 0.96 0.56
CA GLY A 139 12.53 1.97 -0.07
C GLY A 139 13.22 2.86 0.99
N SER A 140 12.59 3.02 2.14
CA SER A 140 13.14 3.71 3.29
C SER A 140 13.53 2.73 4.45
N GLU A 141 14.09 3.30 5.52
CA GLU A 141 14.43 2.58 6.73
C GLU A 141 13.54 3.00 7.79
N LEU A 142 12.92 1.99 8.41
CA LEU A 142 11.99 2.31 9.48
C LEU A 142 12.62 3.08 10.69
N LEU A 143 11.90 4.11 11.14
CA LEU A 143 12.23 4.79 12.40
C LEU A 143 11.27 4.40 13.49
N GLU A 144 9.98 4.40 13.21
CA GLU A 144 8.96 3.92 14.12
C GLU A 144 7.70 3.54 13.38
N LEU A 145 7.07 2.46 13.86
CA LEU A 145 5.79 1.96 13.35
C LEU A 145 4.87 1.83 14.54
N HIS A 146 3.65 2.35 14.39
CA HIS A 146 2.56 2.21 15.29
C HIS A 146 1.28 1.90 14.48
N GLY A 147 0.64 0.78 14.83
CA GLY A 147 -0.68 0.37 14.27
C GLY A 147 -1.76 0.10 15.25
N ILE A 148 -2.98 0.27 14.77
CA ILE A 148 -4.15 -0.20 15.44
C ILE A 148 -4.58 -1.36 14.54
N LEU A 149 -3.99 -2.50 14.84
CA LEU A 149 -4.10 -3.67 14.02
C LEU A 149 -5.31 -4.61 14.29
N ASN A 150 -5.98 -4.45 15.41
CA ASN A 150 -7.07 -5.38 15.77
C ASN A 150 -8.36 -4.69 15.67
N GLY A 151 -9.24 -5.15 14.78
CA GLY A 151 -10.52 -4.44 14.69
C GLY A 151 -11.51 -4.63 15.79
N THR A 152 -11.48 -5.82 16.41
CA THR A 152 -12.37 -6.06 17.59
C THR A 152 -12.20 -5.15 18.69
N THR A 153 -10.91 -4.99 19.10
CA THR A 153 -10.65 -4.07 20.18
C THR A 153 -10.81 -2.63 19.79
N LEU A 154 -10.60 -2.29 18.52
CA LEU A 154 -10.98 -0.91 18.12
C LEU A 154 -12.47 -0.63 18.31
N TYR A 155 -13.25 -1.58 17.78
CA TYR A 155 -14.76 -1.50 17.89
C TYR A 155 -15.15 -1.34 19.34
N ILE A 156 -14.60 -2.24 20.17
CA ILE A 156 -14.94 -2.17 21.60
C ILE A 156 -14.61 -0.86 22.20
N LEU A 157 -13.41 -0.35 21.91
CA LEU A 157 -13.08 0.95 22.52
C LEU A 157 -13.94 2.09 22.00
N GLN A 158 -14.26 2.05 20.72
CA GLN A 158 -15.15 3.06 20.10
C GLN A 158 -16.46 3.06 20.79
N GLU A 159 -16.94 1.85 21.12
CA GLU A 159 -18.28 1.74 21.78
C GLU A 159 -18.25 2.14 23.21
N MET A 160 -17.17 1.83 23.92
CA MET A 160 -17.08 2.25 25.30
C MET A 160 -16.95 3.74 25.49
N GLU A 161 -16.32 4.45 24.53
CA GLU A 161 -16.31 5.95 24.59
C GLU A 161 -17.71 6.51 24.58
N LYS A 162 -18.54 5.91 23.73
CA LYS A 162 -19.94 6.20 23.63
C LYS A 162 -20.74 5.70 24.88
N GLY A 163 -20.05 5.06 25.85
CA GLY A 163 -20.58 4.83 27.22
C GLY A 163 -21.15 3.44 27.42
N ARG A 164 -21.15 2.67 26.35
CA ARG A 164 -21.45 1.26 26.36
C ARG A 164 -20.39 0.41 27.11
N THR A 165 -20.84 -0.65 27.78
CA THR A 165 -19.92 -1.41 28.62
C THR A 165 -19.10 -2.37 27.72
N TYR A 166 -17.96 -2.81 28.29
CA TYR A 166 -17.15 -3.81 27.63
C TYR A 166 -17.97 -4.98 27.14
N ALA A 167 -18.81 -5.52 28.03
CA ALA A 167 -19.48 -6.79 27.69
C ALA A 167 -20.50 -6.52 26.62
N GLU A 168 -21.27 -5.42 26.75
CA GLU A 168 -22.23 -5.23 25.64
C GLU A 168 -21.50 -4.96 24.35
N ALA A 169 -20.41 -4.17 24.43
CA ALA A 169 -19.67 -3.92 23.14
C ALA A 169 -19.04 -5.11 22.58
N LEU A 170 -18.49 -6.03 23.42
CA LEU A 170 -17.89 -7.22 22.86
C LEU A 170 -18.91 -8.13 22.23
N LEU A 171 -20.05 -8.18 22.93
CA LEU A 171 -21.17 -8.96 22.44
C LEU A 171 -21.49 -8.37 21.09
N GLU A 172 -21.76 -7.04 21.13
CA GLU A 172 -22.09 -6.35 19.82
C GLU A 172 -21.00 -6.66 18.78
N ALA A 173 -19.73 -6.54 19.16
CA ALA A 173 -18.63 -6.89 18.22
C ALA A 173 -18.65 -8.26 17.65
N GLN A 174 -18.96 -9.26 18.49
CA GLN A 174 -19.01 -10.65 18.01
C GLN A 174 -20.23 -10.88 17.03
N ARG A 175 -21.41 -10.31 17.32
CA ARG A 175 -22.53 -10.39 16.31
C ARG A 175 -22.03 -9.91 14.96
N LEU A 176 -21.58 -8.62 14.90
CA LEU A 176 -21.01 -7.97 13.64
C LEU A 176 -19.87 -8.77 13.01
N GLY A 177 -19.48 -9.95 13.52
CA GLY A 177 -18.40 -10.80 12.87
C GLY A 177 -16.90 -10.33 13.12
N TYR A 178 -16.66 -9.28 13.93
CA TYR A 178 -15.24 -8.79 14.02
C TYR A 178 -14.23 -9.74 14.74
N ALA A 179 -14.70 -10.43 15.82
CA ALA A 179 -13.78 -11.24 16.76
C ALA A 179 -13.25 -12.51 16.26
N GLU A 180 -12.12 -12.92 16.79
CA GLU A 180 -11.62 -14.28 16.58
C GLU A 180 -12.58 -15.34 17.37
N ALA A 181 -12.32 -16.61 17.14
CA ALA A 181 -13.26 -17.75 17.55
C ALA A 181 -13.41 -17.61 19.10
N ASP A 182 -12.22 -17.49 19.67
CA ASP A 182 -12.07 -16.95 21.05
C ASP A 182 -11.60 -15.47 21.17
N PRO A 183 -12.49 -14.58 21.55
CA PRO A 183 -12.23 -13.19 21.61
C PRO A 183 -11.09 -12.84 22.59
N THR A 184 -10.63 -13.77 23.43
CA THR A 184 -9.49 -13.55 24.31
C THR A 184 -8.26 -13.15 23.46
N LEU A 185 -8.15 -13.76 22.30
CA LEU A 185 -6.99 -13.42 21.43
C LEU A 185 -7.02 -11.96 21.07
N ASP A 186 -8.17 -11.40 20.81
CA ASP A 186 -8.34 -10.05 20.53
C ASP A 186 -8.14 -9.17 21.75
N VAL A 187 -8.93 -9.40 22.79
CA VAL A 187 -8.95 -8.46 23.91
C VAL A 187 -7.65 -8.50 24.78
N GLU A 188 -6.82 -9.54 24.73
CA GLU A 188 -5.54 -9.57 25.42
C GLU A 188 -4.34 -9.12 24.58
N GLY A 189 -4.59 -8.63 23.36
CA GLY A 189 -3.52 -8.17 22.55
C GLY A 189 -2.81 -9.16 21.74
N ILE A 190 -3.21 -10.42 21.86
CA ILE A 190 -2.40 -11.46 21.24
C ILE A 190 -2.52 -11.48 19.65
N ASP A 191 -3.73 -11.25 19.19
CA ASP A 191 -4.01 -11.22 17.77
C ASP A 191 -3.16 -10.01 17.18
N ALA A 192 -3.22 -8.84 17.83
CA ALA A 192 -2.29 -7.66 17.41
C ALA A 192 -0.86 -8.06 17.44
N ALA A 193 -0.43 -8.86 18.46
CA ALA A 193 0.90 -9.29 18.55
C ALA A 193 1.32 -10.19 17.40
N HIS A 194 0.42 -11.14 17.05
CA HIS A 194 0.64 -12.01 15.88
C HIS A 194 0.83 -11.00 14.64
N LYS A 195 -0.10 -10.07 14.45
CA LYS A 195 -0.01 -9.17 13.22
C LYS A 195 1.33 -8.41 13.22
N LEU A 196 1.71 -7.87 14.39
CA LEU A 196 2.92 -7.05 14.54
C LEU A 196 4.08 -7.83 14.28
N THR A 197 4.07 -9.12 14.68
CA THR A 197 5.17 -9.95 14.34
C THR A 197 5.44 -10.11 12.83
N LEU A 198 4.36 -10.33 12.11
CA LEU A 198 4.45 -10.47 10.67
C LEU A 198 4.98 -9.14 10.03
N LEU A 199 4.49 -8.03 10.50
CA LEU A 199 5.07 -6.76 9.99
C LEU A 199 6.54 -6.60 10.21
N ALA A 200 7.02 -7.00 11.40
CA ALA A 200 8.41 -6.99 11.71
C ALA A 200 9.29 -7.83 10.86
N ARG A 201 8.78 -9.00 10.48
CA ARG A 201 9.53 -9.89 9.64
C ARG A 201 9.64 -9.43 8.23
N LEU A 202 8.62 -8.72 7.80
CA LEU A 202 8.65 -8.14 6.41
C LEU A 202 9.65 -7.01 6.33
N LEU A 203 9.63 -6.13 7.30
CA LEU A 203 10.33 -4.87 7.20
C LEU A 203 11.73 -4.86 7.81
N VAL A 204 11.89 -5.43 9.02
CA VAL A 204 13.09 -5.20 9.83
C VAL A 204 13.86 -6.48 10.20
N ASP A 205 13.20 -7.63 10.37
CA ASP A 205 14.03 -8.78 10.80
C ASP A 205 13.32 -10.10 10.48
N PRO A 206 13.81 -10.85 9.53
CA PRO A 206 13.04 -12.03 9.03
C PRO A 206 12.93 -13.14 10.06
N GLY A 207 13.71 -13.06 11.14
CA GLY A 207 13.66 -14.03 12.23
C GLY A 207 12.94 -13.53 13.42
N PHE A 208 12.27 -12.38 13.35
CA PHE A 208 11.65 -11.82 14.55
C PHE A 208 10.74 -12.83 15.25
N PRO A 209 11.01 -13.12 16.54
CA PRO A 209 10.19 -14.12 17.27
C PRO A 209 8.92 -13.58 17.83
N PHE A 210 7.82 -14.25 17.57
CA PHE A 210 6.54 -13.90 18.14
C PHE A 210 6.68 -13.75 19.71
N ALA A 211 7.47 -14.64 20.32
CA ALA A 211 7.61 -14.65 21.86
C ALA A 211 8.21 -13.34 22.38
N GLU A 212 8.97 -12.61 21.53
CA GLU A 212 9.56 -11.29 21.91
C GLU A 212 8.63 -10.13 21.94
N VAL A 213 7.41 -10.25 21.39
CA VAL A 213 6.44 -9.18 21.49
C VAL A 213 5.90 -9.09 22.91
N GLU A 214 6.00 -7.92 23.52
N GLU A 214 5.96 -7.91 23.52
CA GLU A 214 5.34 -7.68 24.78
CA GLU A 214 5.31 -7.73 24.82
C GLU A 214 3.91 -7.31 24.47
C GLU A 214 3.93 -7.19 24.68
N ALA A 215 2.94 -8.01 25.02
CA ALA A 215 1.54 -7.73 24.78
C ALA A 215 0.70 -7.58 26.00
N GLN A 216 -0.04 -6.48 26.07
N GLN A 216 -0.05 -6.50 26.08
CA GLN A 216 -1.04 -6.17 27.12
CA GLN A 216 -1.12 -6.36 27.04
C GLN A 216 -2.29 -5.70 26.43
C GLN A 216 -2.29 -6.06 26.20
N GLY A 217 -3.44 -6.24 26.80
CA GLY A 217 -4.67 -5.95 26.12
C GLY A 217 -5.46 -4.91 26.81
N ILE A 218 -6.74 -4.94 26.58
CA ILE A 218 -7.63 -3.84 27.04
C ILE A 218 -8.44 -4.15 28.29
N ALA A 219 -8.01 -5.15 29.02
CA ALA A 219 -8.79 -5.58 30.22
C ALA A 219 -8.92 -4.66 31.38
N ARG A 220 -8.04 -3.69 31.51
CA ARG A 220 -8.18 -2.67 32.54
C ARG A 220 -9.00 -1.44 32.08
N LEU A 221 -9.36 -1.37 30.81
CA LEU A 221 -10.08 -0.19 30.29
C LEU A 221 -11.59 -0.24 30.59
N THR A 222 -12.16 0.92 30.95
CA THR A 222 -13.57 1.11 31.12
C THR A 222 -14.02 2.38 30.39
N PRO A 223 -15.36 2.49 30.15
CA PRO A 223 -15.94 3.74 29.65
C PRO A 223 -15.44 4.94 30.38
N GLU A 224 -15.33 4.88 31.70
CA GLU A 224 -14.85 6.03 32.44
C GLU A 224 -13.44 6.45 32.05
N VAL A 225 -12.57 5.48 31.91
CA VAL A 225 -11.19 5.77 31.57
C VAL A 225 -11.15 6.46 30.20
N LEU A 226 -11.92 5.92 29.27
CA LEU A 226 -11.92 6.37 27.92
C LEU A 226 -12.51 7.77 27.82
N GLN A 227 -13.61 8.00 28.55
CA GLN A 227 -14.26 9.31 28.55
C GLN A 227 -13.43 10.36 29.24
N LYS A 228 -12.72 10.01 30.30
CA LYS A 228 -11.77 10.92 30.89
C LYS A 228 -10.64 11.26 29.91
N ALA A 229 -10.10 10.26 29.21
CA ALA A 229 -9.16 10.52 28.10
C ALA A 229 -9.69 11.55 27.06
N GLU A 230 -10.85 11.30 26.48
CA GLU A 230 -11.60 12.32 25.67
C GLU A 230 -11.59 13.75 26.25
N ALA A 231 -11.80 13.89 27.55
CA ALA A 231 -11.81 15.18 28.19
C ALA A 231 -10.43 15.81 28.29
N ARG A 232 -9.38 15.01 28.34
CA ARG A 232 -8.00 15.57 28.26
C ARG A 232 -7.56 15.83 26.81
N GLY A 233 -8.46 15.72 25.85
CA GLY A 233 -8.14 15.76 24.42
C GLY A 233 -7.35 14.56 23.87
N GLU A 234 -7.60 13.36 24.38
CA GLU A 234 -6.87 12.19 23.99
C GLU A 234 -7.85 11.13 23.61
N ARG A 235 -7.37 10.06 22.99
CA ARG A 235 -8.16 8.83 22.79
C ARG A 235 -7.26 7.72 23.23
N VAL A 236 -7.82 6.73 23.92
CA VAL A 236 -7.04 5.54 24.24
C VAL A 236 -7.31 4.49 23.21
N ARG A 237 -6.24 3.87 22.73
CA ARG A 237 -6.38 2.82 21.74
C ARG A 237 -5.37 1.80 22.03
N LEU A 238 -5.71 0.57 21.64
CA LEU A 238 -4.73 -0.49 21.65
C LEU A 238 -3.75 -0.34 20.51
N VAL A 239 -2.46 -0.20 20.77
CA VAL A 239 -1.50 0.09 19.74
C VAL A 239 -0.39 -0.91 19.71
N ALA A 240 -0.04 -1.37 18.51
CA ALA A 240 1.07 -2.25 18.22
C ALA A 240 2.24 -1.40 17.72
N SER A 241 3.38 -1.45 18.42
CA SER A 241 4.58 -0.59 18.18
C SER A 241 5.81 -1.39 17.88
N LEU A 242 6.58 -0.91 16.92
CA LEU A 242 7.86 -1.43 16.56
C LEU A 242 8.86 -0.27 16.50
N PHE A 243 9.94 -0.39 17.23
CA PHE A 243 10.92 0.76 17.42
C PHE A 243 12.23 0.18 17.90
N GLY A 244 13.35 0.87 17.64
CA GLY A 244 14.67 0.34 18.07
C GLY A 244 14.89 0.74 19.53
N GLU A 245 15.56 -0.12 20.30
CA GLU A 245 16.00 0.23 21.70
C GLU A 245 17.26 -0.55 21.98
N GLY A 246 18.31 0.16 22.43
CA GLY A 246 19.61 -0.48 22.65
C GLY A 246 20.09 -1.26 21.48
N GLY A 247 19.94 -0.73 20.27
CA GLY A 247 20.43 -1.39 19.07
C GLY A 247 19.65 -2.62 18.56
N ARG A 248 18.47 -2.93 19.15
CA ARG A 248 17.68 -4.05 18.72
C ARG A 248 16.24 -3.51 18.43
N TRP A 249 15.49 -4.25 17.60
CA TRP A 249 14.03 -4.02 17.44
C TRP A 249 13.27 -4.48 18.62
N ARG A 250 12.44 -3.63 19.17
CA ARG A 250 11.47 -4.00 20.16
C ARG A 250 10.05 -3.94 19.59
N ALA A 251 9.19 -4.85 20.06
CA ALA A 251 7.76 -4.96 19.59
C ALA A 251 6.88 -4.98 20.83
N ALA A 252 5.97 -4.05 20.91
CA ALA A 252 4.94 -4.04 21.97
C ALA A 252 3.51 -3.78 21.53
N VAL A 253 2.56 -4.36 22.27
CA VAL A 253 1.17 -4.06 22.18
C VAL A 253 0.68 -3.65 23.49
N ALA A 254 0.00 -2.52 23.54
CA ALA A 254 -0.53 -2.03 24.77
C ALA A 254 -1.44 -0.95 24.55
N PRO A 255 -2.34 -0.71 25.49
CA PRO A 255 -3.07 0.52 25.40
C PRO A 255 -2.22 1.82 25.55
N ARG A 256 -2.56 2.84 24.75
CA ARG A 256 -1.80 4.08 24.70
C ARG A 256 -2.71 5.23 24.67
N ARG A 257 -2.26 6.32 25.30
CA ARG A 257 -2.92 7.61 25.22
C ARG A 257 -2.41 8.37 23.97
N LEU A 258 -3.30 8.64 23.04
CA LEU A 258 -2.93 9.30 21.79
C LEU A 258 -3.54 10.70 21.80
N PRO A 259 -2.87 11.69 21.17
CA PRO A 259 -3.55 12.93 20.92
C PRO A 259 -4.71 12.68 20.02
N GLN A 260 -5.83 13.33 20.29
CA GLN A 260 -7.06 13.09 19.55
C GLN A 260 -7.00 13.44 18.06
N ASP A 261 -6.10 14.33 17.66
CA ASP A 261 -5.93 14.67 16.26
CA ASP A 261 -5.92 14.68 16.26
C ASP A 261 -4.90 13.80 15.55
N HIS A 262 -4.24 12.86 16.26
CA HIS A 262 -3.30 11.96 15.64
C HIS A 262 -4.01 11.08 14.61
N PRO A 263 -3.38 10.81 13.43
CA PRO A 263 -4.02 9.90 12.43
C PRO A 263 -4.59 8.58 13.06
N LEU A 264 -3.83 8.00 13.98
CA LEU A 264 -4.25 6.73 14.70
C LEU A 264 -5.47 6.93 15.52
N ALA A 265 -5.59 8.09 16.15
CA ALA A 265 -6.76 8.37 16.94
C ALA A 265 -7.99 8.69 16.12
N ARG A 266 -7.83 9.30 14.93
CA ARG A 266 -8.97 9.68 14.16
C ARG A 266 -9.40 8.65 13.12
N ALA A 267 -8.77 7.47 13.10
N ALA A 267 -8.45 7.81 12.67
CA ALA A 267 -9.14 6.35 12.24
CA ALA A 267 -8.59 7.01 11.43
C ALA A 267 -10.34 5.50 12.73
C ALA A 267 -9.97 6.45 11.16
N ARG A 268 -11.27 5.24 11.81
N ARG A 268 -10.31 6.34 9.87
CA ARG A 268 -12.56 4.70 12.23
CA ARG A 268 -11.44 5.59 9.53
C ARG A 268 -12.45 3.22 12.06
C ARG A 268 -11.00 4.14 9.40
N GLY A 269 -11.42 2.83 11.33
N GLY A 269 -11.33 3.25 10.38
CA GLY A 269 -11.08 1.45 11.10
CA GLY A 269 -10.84 1.84 10.42
C GLY A 269 -9.61 1.26 11.43
C GLY A 269 -9.56 1.40 11.19
N ASN A 270 -9.06 0.18 10.96
CA ASN A 270 -7.74 -0.18 11.38
C ASN A 270 -6.73 0.65 10.61
N ALA A 271 -5.52 0.77 11.14
CA ALA A 271 -4.55 1.80 10.65
C ALA A 271 -3.16 1.48 10.97
N LEU A 272 -2.26 1.79 10.05
CA LEU A 272 -0.87 1.52 10.22
C LEU A 272 -0.14 2.86 9.90
N TRP A 273 0.69 3.32 10.84
CA TRP A 273 1.36 4.59 10.77
C TRP A 273 2.85 4.36 10.93
N VAL A 274 3.59 4.90 9.97
N VAL A 274 3.61 5.00 10.05
CA VAL A 274 5.02 4.84 10.04
CA VAL A 274 5.03 4.70 9.91
C VAL A 274 5.67 6.24 9.94
C VAL A 274 5.84 5.99 9.64
N ARG A 275 6.89 6.24 10.45
CA ARG A 275 7.93 7.26 10.14
C ARG A 275 9.10 6.49 9.66
N ALA A 276 9.64 6.86 8.52
CA ALA A 276 10.76 6.17 7.90
C ALA A 276 11.69 7.20 7.15
N ARG A 277 12.95 6.83 7.05
CA ARG A 277 13.99 7.66 6.43
C ARG A 277 14.41 7.11 5.11
N PRO A 278 14.34 7.94 4.06
CA PRO A 278 14.04 9.35 4.00
C PRO A 278 12.60 9.69 3.63
N LEU A 279 11.70 8.72 3.43
CA LEU A 279 10.32 9.12 3.05
C LEU A 279 9.67 10.16 3.94
N GLY A 280 9.64 9.97 5.25
CA GLY A 280 8.88 10.76 6.16
C GLY A 280 7.72 9.95 6.83
N GLU A 281 6.55 10.59 7.02
N GLU A 281 6.54 10.55 6.97
CA GLU A 281 5.39 10.07 7.73
CA GLU A 281 5.49 9.95 7.72
C GLU A 281 4.40 9.54 6.69
C GLU A 281 4.37 9.55 6.79
N ALA A 282 4.03 8.26 6.82
CA ALA A 282 3.02 7.68 5.94
C ALA A 282 1.98 6.86 6.74
N PHE A 283 0.79 6.62 6.15
N PHE A 283 0.73 6.84 6.29
CA PHE A 283 -0.36 6.12 6.95
CA PHE A 283 -0.22 5.93 6.92
C PHE A 283 -1.32 5.42 6.03
C PHE A 283 -1.24 5.36 5.98
N VAL A 284 -1.78 4.21 6.39
CA VAL A 284 -2.83 3.52 5.61
C VAL A 284 -3.98 3.11 6.58
N THR A 285 -5.20 3.18 6.13
CA THR A 285 -6.36 2.79 6.98
CA THR A 285 -6.39 2.90 6.95
C THR A 285 -7.40 2.13 6.12
N GLY A 286 -8.18 1.24 6.75
CA GLY A 286 -9.29 0.63 6.07
C GLY A 286 -9.88 -0.44 7.01
N PRO A 287 -10.77 -1.23 6.50
CA PRO A 287 -11.46 -2.29 7.33
C PRO A 287 -10.45 -3.37 7.59
N GLY A 288 -10.43 -3.87 8.83
CA GLY A 288 -9.35 -4.78 9.36
C GLY A 288 -9.70 -6.26 9.67
N ALA A 289 -10.99 -6.53 9.39
CA ALA A 289 -11.68 -7.67 9.80
C ALA A 289 -13.02 -7.61 9.05
N GLY A 290 -13.67 -8.78 8.90
CA GLY A 290 -14.96 -8.96 8.16
C GLY A 290 -14.68 -9.94 6.93
N GLY A 291 -15.71 -10.65 6.48
CA GLY A 291 -15.68 -11.54 5.32
C GLY A 291 -15.25 -10.96 3.94
N GLY A 292 -16.06 -10.04 3.44
CA GLY A 292 -15.86 -9.28 2.20
C GLY A 292 -14.45 -8.63 2.27
N ALA A 293 -14.15 -7.97 3.38
CA ALA A 293 -12.81 -7.32 3.52
C ALA A 293 -11.67 -8.28 3.45
N THR A 294 -11.79 -9.44 4.07
CA THR A 294 -10.74 -10.39 4.00
C THR A 294 -10.66 -11.11 2.63
N ALA A 295 -11.83 -11.42 2.06
CA ALA A 295 -11.85 -12.07 0.77
C ALA A 295 -11.15 -11.15 -0.26
N SER A 296 -11.36 -9.83 -0.10
CA SER A 296 -10.61 -8.86 -0.99
C SER A 296 -9.15 -9.03 -0.97
N GLY A 297 -8.57 -9.22 0.25
CA GLY A 297 -7.18 -9.44 0.43
C GLY A 297 -6.65 -10.71 -0.18
N LEU A 298 -7.41 -11.83 0.04
CA LEU A 298 -7.04 -13.10 -0.53
C LEU A 298 -7.11 -12.99 -2.11
N PHE A 299 -8.12 -12.35 -2.62
CA PHE A 299 -8.30 -12.22 -4.09
C PHE A 299 -7.20 -11.31 -4.66
N ALA A 300 -6.80 -10.30 -3.91
CA ALA A 300 -5.67 -9.43 -4.31
C ALA A 300 -4.41 -10.26 -4.41
N ASP A 301 -4.15 -11.17 -3.48
CA ASP A 301 -3.09 -12.09 -3.57
C ASP A 301 -3.19 -13.10 -4.71
N LEU A 302 -4.36 -13.63 -4.98
CA LEU A 302 -4.48 -14.51 -6.15
C LEU A 302 -4.05 -13.74 -7.47
N LEU A 303 -4.56 -12.54 -7.62
CA LEU A 303 -4.16 -11.73 -8.81
C LEU A 303 -2.68 -11.47 -8.86
N ARG A 304 -2.10 -11.19 -7.70
CA ARG A 304 -0.64 -11.06 -7.57
C ARG A 304 0.11 -12.25 -8.02
N PHE A 305 -0.33 -13.42 -7.56
CA PHE A 305 0.26 -14.67 -8.04
C PHE A 305 0.09 -14.87 -9.57
N LEU A 306 -1.09 -14.58 -10.04
CA LEU A 306 -1.38 -14.78 -11.47
C LEU A 306 -0.52 -13.83 -12.33
N SER A 307 -0.14 -12.71 -11.76
N SER A 307 -0.14 -12.72 -11.76
CA SER A 307 0.71 -11.74 -12.44
CA SER A 307 0.71 -11.74 -12.42
C SER A 307 2.16 -12.14 -12.53
C SER A 307 2.16 -12.13 -12.52
N GLY A 308 2.53 -13.28 -11.97
CA GLY A 308 3.92 -13.70 -11.90
C GLY A 308 4.69 -13.11 -10.76
N ALA A 309 4.06 -12.49 -9.80
CA ALA A 309 4.84 -11.96 -8.67
C ALA A 309 4.92 -13.04 -7.57
N PRO A 310 6.04 -13.13 -6.89
CA PRO A 310 6.13 -13.92 -5.62
C PRO A 310 5.24 -13.45 -4.51
N GLY A 311 5.05 -14.34 -3.51
CA GLY A 311 4.47 -13.97 -2.25
C GLY A 311 5.31 -12.95 -1.41
N HIS A 312 4.79 -12.69 -0.21
CA HIS A 312 5.39 -11.71 0.68
C HIS A 312 6.65 -12.30 1.23
N LEU A 313 7.79 -11.79 0.80
CA LEU A 313 9.08 -12.24 1.20
C LEU A 313 9.47 -11.60 2.52
N PRO A 314 10.08 -12.40 3.44
CA PRO A 314 10.65 -11.74 4.64
C PRO A 314 11.76 -10.76 4.22
N ALA A 315 12.12 -9.81 5.08
CA ALA A 315 13.34 -9.03 4.89
C ALA A 315 14.50 -9.95 4.58
N PRO A 316 15.33 -9.64 3.54
CA PRO A 316 16.43 -10.52 3.17
C PRO A 316 17.47 -10.66 4.24
N ARG A 317 17.55 -9.68 5.12
CA ARG A 317 18.45 -9.73 6.28
C ARG A 317 17.90 -8.76 7.31
N ALA A 318 18.19 -8.99 8.58
CA ALA A 318 17.76 -8.04 9.60
C ALA A 318 18.38 -6.65 9.28
N ARG A 319 17.62 -5.59 9.56
N ARG A 319 17.62 -5.59 9.53
CA ARG A 319 18.06 -4.20 9.29
CA ARG A 319 18.06 -4.22 9.27
C ARG A 319 18.44 -3.55 10.60
C ARG A 319 18.52 -3.66 10.60
N PRO A 320 19.57 -2.80 10.57
CA PRO A 320 20.03 -2.10 11.81
C PRO A 320 19.08 -0.92 12.16
N PRO A 321 18.61 -0.81 13.41
CA PRO A 321 17.76 0.32 13.80
C PRO A 321 18.55 1.63 13.75
N LEU A 322 17.89 2.68 13.27
CA LEU A 322 18.57 3.97 13.17
C LEU A 322 18.39 4.75 14.41
N GLU A 323 17.21 4.81 14.97
CA GLU A 323 17.07 5.59 16.18
C GLU A 323 16.51 4.84 17.33
N GLU A 324 16.85 5.28 18.55
CA GLU A 324 16.11 4.94 19.76
C GLU A 324 14.80 5.64 19.67
N GLY A 325 13.80 4.82 19.36
CA GLY A 325 12.49 5.13 19.78
C GLY A 325 12.41 4.82 21.26
N SER A 326 11.21 5.01 21.68
CA SER A 326 10.64 4.41 22.87
C SER A 326 9.90 5.63 22.98
N PRO A 327 8.84 5.74 22.18
CA PRO A 327 7.99 6.86 22.53
C PRO A 327 7.19 6.23 23.65
N TRP A 328 6.39 7.02 24.36
CA TRP A 328 5.15 6.53 24.93
C TRP A 328 4.53 7.03 26.27
N PRO A 329 3.15 7.18 26.28
CA PRO A 329 2.38 6.96 27.48
C PRO A 329 1.34 5.81 27.37
N GLY A 330 1.68 4.69 28.01
CA GLY A 330 0.63 3.78 28.53
C GLY A 330 -0.56 4.35 29.36
N VAL A 331 -1.41 3.43 29.83
CA VAL A 331 -2.61 3.73 30.63
C VAL A 331 -2.60 2.83 31.86
N MET B 1 29.33 -12.72 -5.62
CA MET B 1 28.28 -11.69 -5.80
C MET B 1 28.53 -10.72 -6.96
N GLU B 2 27.41 -10.33 -7.57
CA GLU B 2 27.38 -9.89 -8.97
C GLU B 2 27.06 -8.37 -8.97
N ALA B 3 27.52 -7.70 -10.04
CA ALA B 3 27.24 -6.27 -10.19
C ALA B 3 25.75 -6.12 -10.59
N LEU B 4 25.08 -5.18 -9.96
CA LEU B 4 23.80 -4.70 -10.47
C LEU B 4 24.12 -3.41 -11.28
N LYS B 5 24.04 -3.50 -12.57
CA LYS B 5 24.49 -2.42 -13.47
C LYS B 5 23.32 -1.47 -13.76
N ILE B 6 23.49 -0.24 -13.31
CA ILE B 6 22.46 0.76 -13.40
C ILE B 6 22.88 1.91 -14.29
N ALA B 7 22.01 2.25 -15.25
CA ALA B 7 22.14 3.53 -15.99
C ALA B 7 21.12 4.50 -15.41
N LEU B 8 21.59 5.64 -14.94
CA LEU B 8 20.71 6.58 -14.36
C LEU B 8 20.57 7.78 -15.32
N LEU B 9 19.32 8.15 -15.61
CA LEU B 9 19.02 9.32 -16.50
C LEU B 9 18.47 10.40 -15.66
N GLY B 10 19.28 11.46 -15.37
CA GLY B 10 18.94 12.53 -14.49
C GLY B 10 19.77 12.42 -13.21
N GLY B 11 20.30 13.54 -12.76
CA GLY B 11 21.14 13.68 -11.61
C GLY B 11 20.77 14.85 -10.78
N GLY B 12 19.46 15.12 -10.77
CA GLY B 12 18.96 16.29 -10.11
C GLY B 12 18.43 16.06 -8.73
N THR B 13 17.37 16.77 -8.45
CA THR B 13 16.77 16.66 -7.09
C THR B 13 16.47 15.14 -6.76
N VAL B 14 15.86 14.48 -7.71
CA VAL B 14 15.51 13.08 -7.51
C VAL B 14 16.72 12.20 -7.77
N GLY B 15 17.36 12.37 -8.92
CA GLY B 15 18.48 11.53 -9.34
C GLY B 15 19.64 11.45 -8.39
N SER B 16 20.00 12.59 -7.90
CA SER B 16 21.02 12.68 -6.88
C SER B 16 20.64 12.06 -5.55
N ALA B 17 19.46 12.34 -5.09
CA ALA B 17 18.93 11.67 -3.89
C ALA B 17 19.00 10.14 -4.08
N PHE B 18 18.52 9.65 -5.21
CA PHE B 18 18.55 8.23 -5.57
C PHE B 18 19.98 7.60 -5.60
N TYR B 19 20.89 8.26 -6.32
CA TYR B 19 22.25 7.88 -6.38
C TYR B 19 22.85 7.69 -4.97
N ASN B 20 22.76 8.67 -4.12
CA ASN B 20 23.26 8.56 -2.80
C ASN B 20 22.53 7.59 -1.87
N LEU B 21 21.21 7.43 -2.09
N LEU B 21 21.21 7.44 -2.09
CA LEU B 21 20.50 6.43 -1.33
CA LEU B 21 20.45 6.41 -1.38
C LEU B 21 21.01 5.03 -1.68
C LEU B 21 21.02 5.04 -1.69
N VAL B 22 21.19 4.73 -2.97
CA VAL B 22 21.72 3.48 -3.42
C VAL B 22 23.08 3.17 -2.77
N LEU B 23 23.98 4.13 -2.86
CA LEU B 23 25.29 4.00 -2.20
C LEU B 23 25.18 3.68 -0.75
N GLU B 24 24.39 4.40 0.00
CA GLU B 24 24.40 4.13 1.40
C GLU B 24 23.68 2.84 1.83
N ARG B 25 22.82 2.32 0.96
CA ARG B 25 22.14 1.03 1.15
C ARG B 25 22.85 -0.13 0.50
N ALA B 26 24.11 0.02 0.14
CA ALA B 26 24.83 -1.08 -0.48
C ALA B 26 24.87 -2.37 0.39
N GLU B 27 24.94 -2.20 1.71
N GLU B 27 24.90 -2.26 1.71
CA GLU B 27 24.87 -3.30 2.66
CA GLU B 27 24.90 -3.45 2.58
C GLU B 27 23.58 -4.10 2.43
C GLU B 27 23.53 -4.16 2.60
N GLU B 28 22.44 -3.41 2.44
CA GLU B 28 21.16 -4.02 2.15
C GLU B 28 21.14 -4.76 0.83
N LEU B 29 21.70 -4.17 -0.22
CA LEU B 29 21.74 -4.83 -1.51
C LEU B 29 22.59 -6.09 -1.54
N SER B 30 23.61 -6.15 -0.70
CA SER B 30 24.40 -7.37 -0.63
C SER B 30 23.60 -8.56 -0.14
N ALA B 31 22.58 -8.33 0.64
CA ALA B 31 21.71 -9.42 0.98
C ALA B 31 21.01 -10.06 -0.20
N PHE B 32 20.96 -9.47 -1.43
CA PHE B 32 20.55 -10.14 -2.69
C PHE B 32 21.71 -10.61 -3.51
N GLY B 33 22.88 -10.60 -2.95
CA GLY B 33 24.01 -10.96 -3.76
C GLY B 33 24.35 -9.98 -4.86
N VAL B 34 23.94 -8.68 -4.73
CA VAL B 34 24.41 -7.70 -5.66
C VAL B 34 25.18 -6.60 -5.01
N VAL B 35 26.00 -5.97 -5.84
CA VAL B 35 26.60 -4.70 -5.52
C VAL B 35 26.22 -3.70 -6.63
N PRO B 36 25.84 -2.50 -6.22
CA PRO B 36 25.35 -1.56 -7.22
C PRO B 36 26.51 -0.92 -7.99
N ARG B 37 26.44 -0.92 -9.29
CA ARG B 37 27.43 -0.27 -10.10
C ARG B 37 26.77 0.63 -11.17
N PHE B 38 26.96 1.91 -11.02
CA PHE B 38 26.42 2.87 -11.99
C PHE B 38 27.23 2.91 -13.21
N LEU B 39 26.64 2.66 -14.37
CA LEU B 39 27.37 2.77 -15.64
C LEU B 39 27.60 4.24 -16.09
N GLY B 40 26.72 5.14 -15.67
CA GLY B 40 26.86 6.55 -15.95
C GLY B 40 25.58 7.21 -15.53
N VAL B 41 25.68 8.52 -15.45
CA VAL B 41 24.58 9.37 -15.04
C VAL B 41 24.43 10.53 -16.03
N LEU B 42 23.32 10.50 -16.76
CA LEU B 42 22.98 11.56 -17.77
C LEU B 42 22.57 12.78 -17.14
N VAL B 43 23.28 13.86 -17.48
CA VAL B 43 23.01 15.18 -16.96
C VAL B 43 23.20 16.26 -18.11
N ARG B 44 22.70 17.43 -17.85
CA ARG B 44 22.72 18.56 -18.84
C ARG B 44 24.05 19.28 -18.73
N ASP B 45 24.39 19.59 -17.49
CA ASP B 45 25.47 20.46 -17.12
C ASP B 45 26.50 19.76 -16.22
N PRO B 46 27.52 19.14 -16.81
CA PRO B 46 28.44 18.34 -16.00
C PRO B 46 29.32 19.19 -15.09
N ARG B 47 29.16 20.50 -15.14
CA ARG B 47 29.94 21.39 -14.33
C ARG B 47 29.26 21.78 -13.05
N LYS B 48 27.96 21.61 -12.89
CA LYS B 48 27.35 22.04 -11.62
C LYS B 48 27.88 21.14 -10.47
N PRO B 49 27.98 21.70 -9.27
CA PRO B 49 28.31 20.95 -8.07
C PRO B 49 27.25 19.89 -7.93
N ARG B 50 27.66 18.65 -7.75
CA ARG B 50 26.71 17.54 -7.73
C ARG B 50 27.27 16.50 -6.79
N ALA B 51 26.44 15.85 -5.99
CA ALA B 51 26.86 14.70 -5.06
C ALA B 51 26.96 13.34 -5.77
N ILE B 52 27.44 13.37 -7.00
CA ILE B 52 27.64 12.29 -7.85
C ILE B 52 29.08 12.48 -8.43
N PRO B 53 29.85 11.39 -8.58
CA PRO B 53 31.25 11.56 -9.04
C PRO B 53 31.35 12.10 -10.45
N GLN B 54 32.24 13.06 -10.64
CA GLN B 54 32.42 13.64 -11.96
C GLN B 54 32.63 12.63 -13.03
N GLU B 55 33.40 11.59 -12.73
CA GLU B 55 33.74 10.61 -13.73
C GLU B 55 32.57 9.81 -14.19
N LEU B 56 31.48 9.76 -13.40
CA LEU B 56 30.27 9.04 -13.90
C LEU B 56 29.31 9.93 -14.73
N LEU B 57 29.47 11.24 -14.68
CA LEU B 57 28.59 12.18 -15.46
C LEU B 57 28.78 12.11 -16.94
N ARG B 58 27.66 12.06 -17.66
CA ARG B 58 27.65 12.04 -19.09
C ARG B 58 26.77 13.19 -19.56
N ALA B 59 27.30 13.99 -20.49
CA ALA B 59 26.50 15.08 -21.02
C ALA B 59 25.96 14.76 -22.38
N GLU B 60 26.18 13.57 -22.86
CA GLU B 60 25.58 13.10 -24.05
C GLU B 60 25.07 11.73 -23.73
N PRO B 61 24.08 11.29 -24.44
CA PRO B 61 23.60 9.95 -24.29
C PRO B 61 24.67 8.87 -24.45
N PHE B 62 24.54 7.83 -23.64
CA PHE B 62 25.49 6.73 -23.57
C PHE B 62 24.75 5.45 -23.76
N ASP B 63 25.46 4.41 -24.18
CA ASP B 63 24.90 3.16 -24.52
C ASP B 63 24.33 2.64 -23.21
N LEU B 64 23.09 2.14 -23.30
CA LEU B 64 22.34 1.59 -22.15
C LEU B 64 22.30 0.10 -22.20
N LEU B 65 22.72 -0.50 -23.31
CA LEU B 65 22.42 -1.89 -23.50
C LEU B 65 23.16 -2.90 -22.61
N GLU B 66 24.12 -2.45 -21.85
CA GLU B 66 24.81 -3.29 -20.83
C GLU B 66 24.20 -3.19 -19.43
N ALA B 67 23.25 -2.27 -19.24
CA ALA B 67 22.64 -2.09 -17.93
C ALA B 67 21.71 -3.26 -17.61
N ASP B 68 21.61 -3.57 -16.31
CA ASP B 68 20.55 -4.45 -15.85
C ASP B 68 19.24 -3.68 -15.53
N LEU B 69 19.34 -2.39 -15.25
CA LEU B 69 18.22 -1.50 -14.99
C LEU B 69 18.55 -0.07 -15.53
N VAL B 70 17.54 0.59 -16.10
CA VAL B 70 17.61 1.98 -16.38
C VAL B 70 16.70 2.63 -15.39
N VAL B 71 17.20 3.56 -14.63
CA VAL B 71 16.43 4.40 -13.79
C VAL B 71 16.34 5.80 -14.45
N GLU B 72 15.11 6.30 -14.56
CA GLU B 72 14.89 7.62 -15.20
C GLU B 72 14.24 8.57 -14.28
N ALA B 73 14.84 9.75 -14.17
CA ALA B 73 14.30 10.85 -13.48
C ALA B 73 14.83 12.20 -14.09
N MET B 74 14.58 12.33 -15.38
CA MET B 74 15.09 13.51 -16.15
C MET B 74 13.96 14.51 -16.45
N GLY B 75 12.72 14.05 -16.55
CA GLY B 75 11.67 15.02 -16.89
C GLY B 75 11.44 15.00 -18.36
N GLY B 76 10.22 15.42 -18.76
CA GLY B 76 9.89 15.52 -20.19
C GLY B 76 9.35 14.23 -20.65
N VAL B 77 9.09 14.17 -21.93
CA VAL B 77 8.46 13.07 -22.50
C VAL B 77 9.31 12.58 -23.62
N GLU B 78 9.48 13.36 -24.73
CA GLU B 78 10.04 12.73 -25.92
C GLU B 78 11.51 12.25 -25.72
N ALA B 79 12.29 13.04 -25.06
CA ALA B 79 13.72 12.72 -24.91
C ALA B 79 13.95 11.43 -24.07
N PRO B 80 13.34 11.38 -22.85
CA PRO B 80 13.36 10.07 -22.09
C PRO B 80 12.79 8.92 -22.87
N LEU B 81 11.70 9.11 -23.67
CA LEU B 81 11.22 8.07 -24.46
C LEU B 81 12.26 7.51 -25.37
N ARG B 82 12.89 8.40 -26.17
CA ARG B 82 13.78 7.92 -27.22
C ARG B 82 15.03 7.25 -26.60
N LEU B 83 15.43 7.75 -25.47
CA LEU B 83 16.50 7.13 -24.67
C LEU B 83 16.16 5.74 -24.04
N VAL B 84 14.96 5.55 -23.51
CA VAL B 84 14.62 4.21 -22.95
C VAL B 84 14.12 3.17 -23.86
N LEU B 85 13.56 3.54 -25.03
CA LEU B 85 13.02 2.52 -25.85
C LEU B 85 13.98 1.44 -26.25
N PRO B 86 15.21 1.80 -26.62
CA PRO B 86 16.16 0.74 -27.01
C PRO B 86 16.44 -0.28 -25.88
N ALA B 87 16.49 0.24 -24.66
CA ALA B 87 16.69 -0.63 -23.46
C ALA B 87 15.49 -1.48 -23.25
N LEU B 88 14.29 -0.87 -23.23
CA LEU B 88 13.07 -1.64 -23.20
C LEU B 88 12.99 -2.69 -24.26
N GLU B 89 13.33 -2.36 -25.51
N GLU B 89 13.36 -2.36 -25.51
CA GLU B 89 13.33 -3.39 -26.61
CA GLU B 89 13.34 -3.35 -26.60
C GLU B 89 14.30 -4.54 -26.37
C GLU B 89 14.32 -4.52 -26.39
N ALA B 90 15.39 -4.24 -25.69
CA ALA B 90 16.36 -5.22 -25.31
C ALA B 90 15.88 -6.05 -24.07
N GLY B 91 14.71 -5.77 -23.50
CA GLY B 91 14.26 -6.48 -22.27
C GLY B 91 14.93 -5.99 -20.96
N ILE B 92 15.49 -4.79 -20.98
CA ILE B 92 15.96 -4.09 -19.81
C ILE B 92 14.87 -3.28 -19.14
N PRO B 93 14.60 -3.57 -17.82
CA PRO B 93 13.57 -2.75 -17.14
C PRO B 93 13.89 -1.31 -16.94
N LEU B 94 12.83 -0.55 -16.86
CA LEU B 94 12.84 0.82 -16.52
C LEU B 94 12.16 1.09 -15.18
N ILE B 95 12.84 1.80 -14.34
CA ILE B 95 12.32 2.34 -13.13
C ILE B 95 12.27 3.86 -13.30
N THR B 96 11.04 4.41 -13.22
CA THR B 96 10.83 5.83 -13.47
C THR B 96 9.94 6.46 -12.47
N ALA B 97 10.20 7.74 -12.25
CA ALA B 97 9.38 8.62 -11.49
C ALA B 97 8.60 9.65 -12.40
N ASN B 98 8.56 9.39 -13.67
CA ASN B 98 8.11 10.45 -14.64
C ASN B 98 6.69 10.17 -15.12
N LYS B 99 5.74 10.83 -14.53
CA LYS B 99 4.31 10.56 -14.84
C LYS B 99 3.90 11.16 -16.19
N ALA B 100 4.56 12.24 -16.56
CA ALA B 100 4.28 12.81 -17.91
C ALA B 100 4.64 11.89 -19.04
N LEU B 101 5.82 11.27 -18.94
CA LEU B 101 6.21 10.29 -19.87
C LEU B 101 5.28 9.12 -20.07
N LEU B 102 4.86 8.54 -18.93
CA LEU B 102 3.92 7.44 -19.03
C LEU B 102 2.53 7.90 -19.50
N ALA B 103 2.07 9.03 -19.05
CA ALA B 103 0.70 9.48 -19.46
C ALA B 103 0.69 9.80 -20.97
N GLU B 104 1.77 10.41 -21.44
CA GLU B 104 1.78 11.07 -22.82
C GLU B 104 2.47 10.29 -23.84
N ALA B 105 3.23 9.23 -23.48
CA ALA B 105 3.80 8.33 -24.45
C ALA B 105 3.39 6.87 -24.32
N TRP B 106 2.12 6.66 -24.07
CA TRP B 106 1.62 5.37 -23.68
C TRP B 106 1.46 4.50 -24.85
N GLU B 107 1.28 5.08 -26.05
CA GLU B 107 1.21 4.19 -27.20
C GLU B 107 2.54 3.41 -27.42
N SER B 108 3.66 4.06 -27.16
CA SER B 108 4.93 3.44 -27.25
C SER B 108 5.25 2.53 -26.01
N LEU B 109 4.79 2.92 -24.83
CA LEU B 109 5.28 2.34 -23.55
C LEU B 109 4.37 1.19 -23.00
N ARG B 110 3.08 1.24 -23.37
CA ARG B 110 2.14 0.23 -22.90
C ARG B 110 2.52 -1.18 -23.13
N PRO B 111 3.00 -1.54 -24.36
CA PRO B 111 3.46 -2.89 -24.56
C PRO B 111 4.56 -3.38 -23.57
N PHE B 112 5.49 -2.51 -23.23
CA PHE B 112 6.53 -2.88 -22.28
C PHE B 112 5.97 -2.91 -20.84
N ALA B 113 5.12 -1.97 -20.48
CA ALA B 113 4.35 -2.09 -19.19
C ALA B 113 3.63 -3.39 -19.06
N GLU B 114 2.96 -3.84 -20.13
CA GLU B 114 2.25 -5.10 -20.11
C GLU B 114 3.17 -6.30 -19.94
N GLU B 115 4.42 -6.19 -20.29
CA GLU B 115 5.37 -7.25 -20.11
C GLU B 115 6.04 -7.15 -18.73
N GLY B 116 5.65 -6.25 -17.84
CA GLY B 116 6.32 -6.21 -16.53
C GLY B 116 7.59 -5.46 -16.52
N LEU B 117 7.90 -4.69 -17.59
CA LEU B 117 9.21 -4.05 -17.65
C LEU B 117 9.27 -2.61 -17.10
N ILE B 118 8.15 -2.06 -16.69
CA ILE B 118 8.14 -0.69 -16.19
C ILE B 118 7.70 -0.63 -14.74
N TYR B 119 8.59 -0.12 -13.91
CA TYR B 119 8.34 0.12 -12.48
C TYR B 119 8.18 1.58 -12.29
N HIS B 120 7.05 2.04 -11.72
CA HIS B 120 6.79 3.44 -11.54
C HIS B 120 6.03 3.84 -10.33
N GLU B 121 6.37 3.22 -9.19
CA GLU B 121 5.77 3.67 -7.92
C GLU B 121 6.01 5.10 -7.66
N ALA B 122 7.23 5.55 -7.89
CA ALA B 122 7.59 6.97 -7.63
C ALA B 122 6.93 8.00 -8.55
N SER B 123 6.25 7.53 -9.58
CA SER B 123 5.49 8.44 -10.59
C SER B 123 4.15 8.98 -10.00
N VAL B 124 3.67 8.38 -8.89
CA VAL B 124 2.49 8.91 -8.21
C VAL B 124 2.66 8.94 -6.73
N MET B 125 2.54 10.13 -6.14
CA MET B 125 2.75 10.37 -4.75
C MET B 125 4.15 9.87 -4.29
N ALA B 126 5.13 9.99 -5.17
CA ALA B 126 6.50 9.74 -4.78
C ALA B 126 6.63 8.33 -4.08
N GLY B 127 7.37 8.20 -2.99
CA GLY B 127 7.54 6.88 -2.37
C GLY B 127 6.42 6.53 -1.42
N THR B 128 5.37 7.33 -1.37
CA THR B 128 4.15 6.92 -0.65
C THR B 128 3.51 5.81 -1.47
N PRO B 129 3.08 4.72 -0.80
CA PRO B 129 2.55 3.63 -1.56
C PRO B 129 1.22 4.05 -2.25
N ALA B 130 1.13 4.00 -3.57
CA ALA B 130 -0.07 4.45 -4.30
C ALA B 130 -0.31 3.37 -5.27
N LEU B 131 0.68 3.02 -6.07
CA LEU B 131 0.49 2.01 -7.02
C LEU B 131 0.32 0.64 -6.31
N SER B 132 1.16 0.41 -5.32
CA SER B 132 1.09 -0.89 -4.57
C SER B 132 -0.21 -0.94 -3.81
N PHE B 133 -0.73 0.20 -3.28
CA PHE B 133 -1.98 0.33 -2.61
C PHE B 133 -3.08 -0.09 -3.58
N LEU B 134 -3.05 0.43 -4.78
CA LEU B 134 -4.04 0.04 -5.79
C LEU B 134 -3.94 -1.38 -6.25
N GLU B 135 -2.73 -1.90 -6.35
CA GLU B 135 -2.54 -3.27 -6.70
C GLU B 135 -3.34 -4.20 -5.73
N THR B 136 -3.25 -3.90 -4.45
CA THR B 136 -4.06 -4.56 -3.40
C THR B 136 -5.57 -4.30 -3.47
N LEU B 137 -5.93 -3.11 -3.91
CA LEU B 137 -7.31 -2.79 -4.05
C LEU B 137 -7.93 -3.50 -5.21
N ARG B 138 -7.13 -4.07 -6.09
CA ARG B 138 -7.64 -4.86 -7.20
C ARG B 138 -8.43 -6.11 -6.67
N GLY B 139 -8.21 -6.50 -5.41
CA GLY B 139 -9.00 -7.60 -4.85
C GLY B 139 -10.47 -7.29 -4.80
N SER B 140 -10.80 -6.01 -4.89
CA SER B 140 -12.14 -5.57 -5.08
C SER B 140 -12.44 -4.89 -6.46
N GLU B 141 -13.72 -4.63 -6.69
CA GLU B 141 -14.22 -3.83 -7.81
C GLU B 141 -14.35 -2.40 -7.44
N LEU B 142 -13.69 -1.53 -8.21
CA LEU B 142 -13.78 -0.09 -7.87
C LEU B 142 -15.17 0.50 -7.95
N LEU B 143 -15.58 1.20 -6.94
CA LEU B 143 -16.75 2.01 -6.96
C LEU B 143 -16.38 3.50 -7.30
N GLU B 144 -15.42 4.07 -6.54
CA GLU B 144 -14.97 5.43 -6.81
C GLU B 144 -13.59 5.63 -6.16
N LEU B 145 -12.79 6.50 -6.78
CA LEU B 145 -11.45 6.91 -6.30
C LEU B 145 -11.40 8.45 -6.32
N HIS B 146 -10.90 9.03 -5.23
CA HIS B 146 -10.63 10.42 -5.12
C HIS B 146 -9.28 10.60 -4.39
N GLY B 147 -8.35 11.38 -4.98
CA GLY B 147 -7.02 11.61 -4.40
C GLY B 147 -6.65 13.06 -4.45
N ILE B 148 -5.76 13.45 -3.55
CA ILE B 148 -5.10 14.72 -3.59
C ILE B 148 -3.69 14.30 -3.99
N LEU B 149 -3.45 14.31 -5.27
CA LEU B 149 -2.26 13.70 -5.86
C LEU B 149 -1.07 14.65 -6.04
N ASN B 150 -1.32 15.98 -6.01
CA ASN B 150 -0.28 16.95 -6.38
C ASN B 150 0.21 17.57 -5.11
N GLY B 151 1.49 17.34 -4.84
CA GLY B 151 2.01 17.97 -3.58
C GLY B 151 2.17 19.48 -3.60
N THR B 152 2.59 19.99 -4.78
CA THR B 152 2.77 21.47 -4.91
C THR B 152 1.53 22.18 -4.67
N THR B 153 0.37 21.75 -5.29
CA THR B 153 -0.85 22.48 -4.97
C THR B 153 -1.45 22.22 -3.61
N LEU B 154 -1.21 21.03 -3.03
CA LEU B 154 -1.68 20.86 -1.62
C LEU B 154 -0.94 21.85 -0.76
N TYR B 155 0.36 21.88 -0.98
CA TYR B 155 1.26 22.81 -0.20
C TYR B 155 0.73 24.21 -0.33
N ILE B 156 0.52 24.62 -1.59
CA ILE B 156 -0.05 26.01 -1.78
C ILE B 156 -1.35 26.28 -1.11
N LEU B 157 -2.31 25.35 -1.23
CA LEU B 157 -3.60 25.60 -0.57
C LEU B 157 -3.46 25.57 1.00
N GLN B 158 -2.64 24.67 1.52
CA GLN B 158 -2.34 24.66 2.99
C GLN B 158 -1.76 26.02 3.43
N GLU B 159 -0.78 26.54 2.69
CA GLU B 159 -0.19 27.88 3.04
C GLU B 159 -1.17 28.96 2.82
N MET B 160 -1.98 28.95 1.75
CA MET B 160 -3.04 30.02 1.63
C MET B 160 -4.10 30.02 2.68
N GLU B 161 -4.40 28.83 3.21
CA GLU B 161 -5.34 28.71 4.36
C GLU B 161 -4.89 29.48 5.59
N LYS B 162 -3.59 29.41 5.82
CA LYS B 162 -2.96 30.12 6.88
C LYS B 162 -2.70 31.60 6.54
N GLY B 163 -3.36 32.17 5.51
CA GLY B 163 -3.17 33.56 5.10
C GLY B 163 -1.97 33.87 4.18
N ARG B 164 -1.14 32.90 3.83
CA ARG B 164 -0.06 33.25 2.90
C ARG B 164 -0.56 33.42 1.48
N THR B 165 0.25 34.14 0.63
CA THR B 165 -0.20 34.28 -0.77
C THR B 165 0.21 33.12 -1.58
N TYR B 166 -0.53 33.12 -2.69
CA TYR B 166 -0.26 32.25 -3.80
C TYR B 166 1.13 32.33 -4.18
N ALA B 167 1.63 33.57 -4.51
CA ALA B 167 3.00 33.72 -4.93
C ALA B 167 4.05 33.28 -3.97
N GLU B 168 3.90 33.67 -2.73
CA GLU B 168 4.82 33.11 -1.65
C GLU B 168 4.95 31.58 -1.51
N ALA B 169 3.75 31.01 -1.52
CA ALA B 169 3.62 29.54 -1.44
C ALA B 169 4.21 28.80 -2.53
N LEU B 170 3.93 29.34 -3.76
CA LEU B 170 4.52 28.80 -4.90
C LEU B 170 6.01 28.85 -4.87
N LEU B 171 6.55 30.03 -4.53
CA LEU B 171 8.04 30.22 -4.43
C LEU B 171 8.67 29.14 -3.51
N GLU B 172 8.01 28.96 -2.41
CA GLU B 172 8.46 27.83 -1.46
C GLU B 172 8.44 26.46 -1.92
N ALA B 173 7.40 26.09 -2.69
CA ALA B 173 7.28 24.76 -3.05
C ALA B 173 8.27 24.45 -4.08
N GLN B 174 8.60 25.49 -4.90
CA GLN B 174 9.64 25.34 -5.88
C GLN B 174 10.94 25.17 -5.17
N ARG B 175 11.11 25.96 -4.14
CA ARG B 175 12.36 25.83 -3.36
C ARG B 175 12.57 24.44 -2.73
N LEU B 176 11.45 23.83 -2.29
CA LEU B 176 11.47 22.58 -1.58
C LEU B 176 11.69 21.45 -2.54
N GLY B 177 11.70 21.77 -3.84
CA GLY B 177 12.00 20.76 -4.87
C GLY B 177 10.72 20.00 -5.24
N TYR B 178 9.58 20.46 -4.74
CA TYR B 178 8.26 19.88 -5.18
C TYR B 178 7.75 20.07 -6.65
N ALA B 179 8.02 21.23 -7.29
CA ALA B 179 7.20 21.69 -8.42
C ALA B 179 7.76 21.14 -9.61
N GLU B 180 6.91 20.89 -10.58
CA GLU B 180 7.44 20.50 -11.81
C GLU B 180 8.29 21.77 -12.27
N ALA B 181 9.18 21.49 -13.19
CA ALA B 181 10.04 22.58 -13.76
C ALA B 181 9.14 23.71 -14.38
N ASP B 182 8.09 23.31 -15.13
CA ASP B 182 6.93 24.21 -15.49
C ASP B 182 5.84 24.04 -14.33
N PRO B 183 5.79 24.87 -13.28
CA PRO B 183 4.84 24.83 -12.18
C PRO B 183 3.44 25.07 -12.62
N THR B 184 3.24 25.65 -13.82
CA THR B 184 1.92 25.68 -14.42
C THR B 184 1.33 24.25 -14.47
N LEU B 185 2.17 23.26 -14.72
CA LEU B 185 1.70 21.83 -14.79
C LEU B 185 1.03 21.48 -13.46
N ASP B 186 1.57 21.92 -12.35
CA ASP B 186 1.03 21.71 -11.05
C ASP B 186 -0.21 22.50 -10.82
N VAL B 187 -0.15 23.82 -11.02
CA VAL B 187 -1.25 24.65 -10.54
C VAL B 187 -2.48 24.62 -11.47
N GLU B 188 -2.32 24.16 -12.70
CA GLU B 188 -3.51 24.07 -13.61
C GLU B 188 -4.05 22.66 -13.58
N GLY B 189 -3.50 21.79 -12.69
CA GLY B 189 -4.04 20.42 -12.59
C GLY B 189 -3.56 19.42 -13.55
N ILE B 190 -2.62 19.79 -14.39
CA ILE B 190 -2.17 18.89 -15.39
C ILE B 190 -1.33 17.71 -14.82
N ASP B 191 -0.47 18.02 -13.86
CA ASP B 191 0.36 17.02 -13.24
C ASP B 191 -0.56 15.95 -12.48
N ALA B 192 -1.61 16.45 -11.84
CA ALA B 192 -2.61 15.57 -11.17
C ALA B 192 -3.37 14.82 -12.18
N ALA B 193 -3.64 15.40 -13.38
CA ALA B 193 -4.21 14.67 -14.45
C ALA B 193 -3.36 13.56 -14.97
N HIS B 194 -2.07 13.85 -15.13
CA HIS B 194 -1.16 12.79 -15.53
C HIS B 194 -1.23 11.57 -14.48
N LYS B 195 -1.12 11.94 -13.22
CA LYS B 195 -1.15 10.89 -12.14
C LYS B 195 -2.47 10.07 -12.21
N LEU B 196 -3.58 10.79 -12.34
CA LEU B 196 -4.92 10.20 -12.46
C LEU B 196 -5.06 9.23 -13.58
N THR B 197 -4.45 9.55 -14.74
CA THR B 197 -4.39 8.70 -15.82
C THR B 197 -3.72 7.39 -15.53
N LEU B 198 -2.59 7.46 -14.82
CA LEU B 198 -1.89 6.26 -14.51
C LEU B 198 -2.75 5.38 -13.56
N LEU B 199 -3.45 5.99 -12.62
CA LEU B 199 -4.28 5.18 -11.69
C LEU B 199 -5.44 4.52 -12.45
N ALA B 200 -6.00 5.23 -13.43
CA ALA B 200 -7.09 4.68 -14.25
C ALA B 200 -6.60 3.51 -15.01
N ARG B 201 -5.37 3.57 -15.52
CA ARG B 201 -4.87 2.53 -16.29
C ARG B 201 -4.51 1.30 -15.52
N LEU B 202 -4.03 1.51 -14.32
CA LEU B 202 -3.73 0.36 -13.42
C LEU B 202 -5.05 -0.38 -13.00
N LEU B 203 -6.07 0.35 -12.73
CA LEU B 203 -7.31 -0.19 -12.13
C LEU B 203 -8.39 -0.64 -13.10
N VAL B 204 -8.75 0.21 -14.06
CA VAL B 204 -10.04 0.07 -14.80
C VAL B 204 -9.93 -0.05 -16.30
N ASP B 205 -8.92 0.56 -16.91
CA ASP B 205 -8.81 0.58 -18.38
C ASP B 205 -7.39 0.79 -18.84
N PRO B 206 -6.75 -0.27 -19.30
CA PRO B 206 -5.35 -0.14 -19.58
C PRO B 206 -5.01 0.83 -20.75
N GLY B 207 -6.01 1.28 -21.54
CA GLY B 207 -5.75 2.31 -22.58
C GLY B 207 -6.41 3.60 -22.22
N PHE B 208 -6.79 3.84 -20.97
CA PHE B 208 -7.42 5.09 -20.61
C PHE B 208 -6.60 6.28 -21.14
N PRO B 209 -7.21 7.16 -21.97
CA PRO B 209 -6.39 8.29 -22.52
C PRO B 209 -6.26 9.47 -21.62
N PHE B 210 -5.04 10.00 -21.52
CA PHE B 210 -4.77 11.23 -20.83
C PHE B 210 -5.68 12.38 -21.30
N ALA B 211 -5.91 12.43 -22.60
CA ALA B 211 -6.81 13.44 -23.19
C ALA B 211 -8.27 13.42 -22.66
N GLU B 212 -8.74 12.26 -22.17
N GLU B 212 -8.74 12.29 -22.12
CA GLU B 212 -10.06 12.15 -21.59
CA GLU B 212 -10.08 12.23 -21.55
C GLU B 212 -10.18 12.69 -20.16
C GLU B 212 -10.21 12.86 -20.16
N VAL B 213 -9.08 13.03 -19.46
CA VAL B 213 -9.19 13.61 -18.16
C VAL B 213 -9.59 15.06 -18.30
N GLU B 214 -10.56 15.49 -17.52
N GLU B 214 -10.60 15.52 -17.55
CA GLU B 214 -11.01 16.87 -17.49
CA GLU B 214 -10.99 16.96 -17.53
C GLU B 214 -10.16 17.46 -16.36
C GLU B 214 -10.43 17.69 -16.31
N ALA B 215 -9.51 18.60 -16.56
CA ALA B 215 -8.64 19.14 -15.51
C ALA B 215 -8.83 20.57 -15.42
N GLN B 216 -8.98 21.03 -14.21
CA GLN B 216 -8.91 22.40 -13.98
C GLN B 216 -8.10 22.60 -12.69
N GLY B 217 -7.45 23.75 -12.55
CA GLY B 217 -6.55 24.00 -11.42
C GLY B 217 -7.01 24.88 -10.32
N ILE B 218 -6.03 25.46 -9.64
CA ILE B 218 -6.31 26.26 -8.45
C ILE B 218 -6.27 27.74 -8.74
N ALA B 219 -6.25 28.09 -10.00
CA ALA B 219 -6.04 29.51 -10.37
C ALA B 219 -7.07 30.49 -9.95
N ARG B 220 -8.29 30.09 -9.64
CA ARG B 220 -9.30 30.95 -9.06
C ARG B 220 -9.32 31.00 -7.54
N LEU B 221 -8.43 30.30 -6.89
CA LEU B 221 -8.58 30.23 -5.44
C LEU B 221 -7.67 31.31 -4.82
N THR B 222 -8.10 31.83 -3.67
CA THR B 222 -7.39 32.79 -2.84
C THR B 222 -7.48 32.49 -1.33
N PRO B 223 -6.66 33.15 -0.50
CA PRO B 223 -6.77 32.94 0.94
C PRO B 223 -8.16 33.20 1.41
N GLU B 224 -8.83 34.15 0.81
CA GLU B 224 -10.21 34.42 1.17
C GLU B 224 -11.21 33.28 0.92
N VAL B 225 -11.22 32.71 -0.28
CA VAL B 225 -12.13 31.60 -0.64
C VAL B 225 -11.88 30.44 0.33
N LEU B 226 -10.61 30.10 0.58
CA LEU B 226 -10.29 29.00 1.46
C LEU B 226 -10.79 29.26 2.90
N GLN B 227 -10.59 30.49 3.38
CA GLN B 227 -10.98 30.86 4.76
C GLN B 227 -12.49 30.88 4.90
N LYS B 228 -13.20 31.27 3.86
CA LYS B 228 -14.63 31.20 3.89
C LYS B 228 -15.08 29.72 3.91
N ALA B 229 -14.37 28.82 3.20
CA ALA B 229 -14.76 27.39 3.23
C ALA B 229 -14.63 26.86 4.66
N GLU B 230 -13.52 27.18 5.34
CA GLU B 230 -13.27 26.76 6.73
C GLU B 230 -14.43 27.19 7.65
N ALA B 231 -15.03 28.33 7.39
CA ALA B 231 -16.13 28.81 8.22
C ALA B 231 -17.43 28.11 7.92
N ARG B 232 -17.59 27.56 6.72
CA ARG B 232 -18.68 26.65 6.44
C ARG B 232 -18.44 25.17 6.93
N GLY B 233 -17.39 24.93 7.70
CA GLY B 233 -17.00 23.55 8.05
C GLY B 233 -16.41 22.68 6.90
N GLU B 234 -15.72 23.33 5.94
CA GLU B 234 -15.18 22.63 4.78
C GLU B 234 -13.69 22.93 4.51
N ARG B 235 -13.07 22.17 3.61
CA ARG B 235 -11.77 22.51 3.11
C ARG B 235 -11.88 22.40 1.61
N VAL B 236 -11.27 23.36 0.91
CA VAL B 236 -11.15 23.26 -0.53
C VAL B 236 -9.85 22.64 -0.86
N ARG B 237 -9.91 21.62 -1.68
CA ARG B 237 -8.73 20.96 -2.15
C ARG B 237 -8.87 20.70 -3.62
N LEU B 238 -7.73 20.60 -4.30
CA LEU B 238 -7.66 20.06 -5.65
C LEU B 238 -7.76 18.53 -5.52
N VAL B 239 -8.74 17.91 -6.19
CA VAL B 239 -9.07 16.44 -6.12
C VAL B 239 -9.12 15.86 -7.49
N ALA B 240 -8.45 14.72 -7.65
CA ALA B 240 -8.40 13.91 -8.81
C ALA B 240 -9.44 12.79 -8.55
N SER B 241 -10.42 12.66 -9.41
CA SER B 241 -11.58 11.73 -9.18
C SER B 241 -11.75 10.80 -10.35
N LEU B 242 -12.03 9.50 -10.05
CA LEU B 242 -12.36 8.50 -11.02
C LEU B 242 -13.66 7.89 -10.56
N PHE B 243 -14.68 8.01 -11.39
CA PHE B 243 -16.08 7.66 -10.96
C PHE B 243 -16.90 7.34 -12.21
N GLY B 244 -17.95 6.57 -11.98
CA GLY B 244 -18.80 6.09 -13.09
C GLY B 244 -19.87 7.11 -13.43
N GLU B 245 -20.04 7.32 -14.72
CA GLU B 245 -21.11 8.21 -15.21
C GLU B 245 -21.60 7.74 -16.56
N GLY B 246 -22.93 7.51 -16.61
CA GLY B 246 -23.60 6.86 -17.76
C GLY B 246 -22.91 5.64 -18.33
N GLY B 247 -22.50 4.72 -17.47
CA GLY B 247 -21.84 3.52 -17.94
C GLY B 247 -20.43 3.60 -18.41
N ARG B 248 -19.79 4.78 -18.27
CA ARG B 248 -18.40 4.90 -18.56
C ARG B 248 -17.66 5.54 -17.36
N TRP B 249 -16.36 5.31 -17.36
CA TRP B 249 -15.44 5.95 -16.36
C TRP B 249 -15.13 7.36 -16.77
N ARG B 250 -15.39 8.26 -15.87
CA ARG B 250 -15.05 9.69 -15.99
C ARG B 250 -13.82 9.96 -15.03
N ALA B 251 -12.91 10.77 -15.53
CA ALA B 251 -11.70 11.21 -14.75
C ALA B 251 -11.65 12.71 -14.76
N ALA B 252 -11.71 13.31 -13.58
CA ALA B 252 -11.69 14.77 -13.44
C ALA B 252 -10.75 15.22 -12.34
N VAL B 253 -10.09 16.33 -12.59
CA VAL B 253 -9.34 17.08 -11.57
C VAL B 253 -9.95 18.44 -11.45
N ALA B 254 -10.29 18.82 -10.25
CA ALA B 254 -10.87 20.12 -9.95
C ALA B 254 -10.81 20.44 -8.50
N PRO B 255 -10.87 21.72 -8.13
CA PRO B 255 -11.12 22.07 -6.73
C PRO B 255 -12.47 21.59 -6.27
N ARG B 256 -12.53 21.10 -5.05
CA ARG B 256 -13.74 20.53 -4.46
C ARG B 256 -13.89 21.04 -3.09
N ARG B 257 -15.15 21.19 -2.71
CA ARG B 257 -15.46 21.50 -1.32
C ARG B 257 -15.59 20.15 -0.54
N LEU B 258 -14.72 19.93 0.43
CA LEU B 258 -14.74 18.69 1.20
C LEU B 258 -15.27 19.00 2.58
N PRO B 259 -16.12 18.08 3.16
CA PRO B 259 -16.33 18.20 4.63
C PRO B 259 -15.01 18.16 5.37
N GLN B 260 -14.83 19.01 6.37
CA GLN B 260 -13.52 19.13 7.03
C GLN B 260 -12.99 17.91 7.77
N ASP B 261 -13.90 17.03 8.15
CA ASP B 261 -13.54 15.77 8.80
C ASP B 261 -13.27 14.69 7.82
N HIS B 262 -13.46 14.92 6.51
CA HIS B 262 -13.16 13.88 5.55
C HIS B 262 -11.65 13.55 5.62
N PRO B 263 -11.26 12.26 5.49
CA PRO B 263 -9.87 11.87 5.42
C PRO B 263 -9.04 12.74 4.44
N LEU B 264 -9.60 12.98 3.29
CA LEU B 264 -8.94 13.88 2.23
C LEU B 264 -8.69 15.28 2.76
N ALA B 265 -9.65 15.81 3.51
CA ALA B 265 -9.51 17.13 4.12
C ALA B 265 -8.53 17.22 5.24
N ARG B 266 -8.41 16.18 6.03
CA ARG B 266 -7.53 16.18 7.15
C ARG B 266 -6.13 15.68 6.82
N ALA B 267 -5.99 14.77 5.86
N ALA B 267 -5.87 15.34 5.56
CA ALA B 267 -4.75 13.94 5.67
CA ALA B 267 -4.53 14.93 5.11
C ALA B 267 -3.52 14.63 6.09
C ALA B 267 -3.46 16.02 5.01
N ARG B 268 -2.57 13.85 6.63
N ARG B 268 -2.34 15.85 5.75
CA ARG B 268 -1.22 14.28 6.65
CA ARG B 268 -1.30 16.85 5.71
C ARG B 268 -0.54 13.85 5.33
C ARG B 268 -0.40 16.69 4.47
N GLY B 269 -0.18 14.82 4.43
N GLY B 269 -0.37 15.50 3.96
CA GLY B 269 0.40 14.55 3.09
CA GLY B 269 0.39 15.17 2.82
C GLY B 269 -0.60 14.53 1.88
C GLY B 269 -0.63 14.71 1.75
N ASN B 270 -0.11 14.16 0.70
CA ASN B 270 -0.98 13.72 -0.39
C ASN B 270 -1.74 12.48 0.06
N ALA B 271 -2.82 12.14 -0.65
CA ALA B 271 -3.76 11.10 -0.13
C ALA B 271 -4.54 10.52 -1.23
N LEU B 272 -4.88 9.22 -1.10
CA LEU B 272 -5.69 8.55 -2.05
C LEU B 272 -6.79 7.80 -1.23
N TRP B 273 -8.05 7.95 -1.63
CA TRP B 273 -9.22 7.45 -0.93
C TRP B 273 -10.03 6.66 -1.94
N VAL B 274 -10.31 5.37 -1.66
N VAL B 274 -10.38 5.43 -1.60
CA VAL B 274 -10.94 4.44 -2.60
CA VAL B 274 -11.12 4.61 -2.49
C VAL B 274 -12.09 3.64 -1.94
C VAL B 274 -12.30 3.99 -1.74
N ARG B 275 -13.30 3.67 -2.53
CA ARG B 275 -14.38 2.73 -2.12
C ARG B 275 -14.43 1.71 -3.20
N ALA B 276 -14.46 0.46 -2.76
CA ALA B 276 -14.47 -0.68 -3.62
C ALA B 276 -15.34 -1.83 -2.97
N ARG B 277 -15.79 -2.73 -3.82
CA ARG B 277 -16.72 -3.87 -3.46
CA ARG B 277 -16.66 -3.83 -3.35
C ARG B 277 -15.95 -5.14 -3.57
N PRO B 278 -15.81 -5.99 -2.53
CA PRO B 278 -16.44 -5.90 -1.19
C PRO B 278 -15.60 -5.27 -0.08
N LEU B 279 -14.40 -4.76 -0.35
CA LEU B 279 -13.56 -4.27 0.75
C LEU B 279 -14.21 -3.24 1.63
N GLY B 280 -14.74 -2.19 1.03
CA GLY B 280 -15.22 -1.02 1.66
C GLY B 280 -14.37 0.22 1.33
N GLU B 281 -14.02 1.04 2.34
N GLU B 281 -13.96 0.96 2.37
CA GLU B 281 -13.38 2.37 2.19
CA GLU B 281 -13.34 2.28 2.24
C GLU B 281 -11.99 2.32 2.78
C GLU B 281 -11.95 2.20 2.77
N ALA B 282 -10.97 2.54 1.93
CA ALA B 282 -9.55 2.55 2.33
C ALA B 282 -8.85 3.85 1.88
N PHE B 283 -7.72 4.15 2.52
N PHE B 283 -7.87 4.32 2.64
CA PHE B 283 -7.10 5.44 2.43
CA PHE B 283 -7.12 5.48 2.19
C PHE B 283 -5.59 5.21 2.63
C PHE B 283 -5.71 5.45 2.73
N VAL B 284 -4.78 5.99 1.92
CA VAL B 284 -3.34 6.04 2.16
C VAL B 284 -2.88 7.52 2.03
N THR B 285 -1.96 7.95 2.88
N THR B 285 -1.95 7.92 2.88
CA THR B 285 -1.45 9.33 2.80
CA THR B 285 -1.42 9.26 2.84
C THR B 285 0.02 9.32 3.21
C THR B 285 0.09 9.15 3.01
N GLY B 286 0.74 10.23 2.59
CA GLY B 286 2.14 10.43 2.89
C GLY B 286 2.67 11.58 1.97
N PRO B 287 3.97 11.79 2.02
CA PRO B 287 4.59 12.88 1.21
C PRO B 287 4.53 12.49 -0.23
N GLY B 288 4.16 13.46 -1.05
CA GLY B 288 3.95 13.20 -2.50
C GLY B 288 4.92 13.83 -3.49
N ALA B 289 5.95 14.44 -2.92
CA ALA B 289 6.94 15.13 -3.67
C ALA B 289 8.15 15.31 -2.74
N GLY B 290 9.33 15.63 -3.33
CA GLY B 290 10.58 15.78 -2.54
C GLY B 290 11.62 14.76 -3.08
N GLY B 291 12.90 15.13 -3.04
CA GLY B 291 13.93 14.24 -3.50
C GLY B 291 14.04 12.85 -2.82
N GLY B 292 14.23 12.90 -1.52
CA GLY B 292 14.24 11.79 -0.58
C GLY B 292 12.98 10.90 -0.72
N ALA B 293 11.83 11.56 -0.68
CA ALA B 293 10.53 10.85 -0.87
C ALA B 293 10.41 10.14 -2.16
N THR B 294 10.91 10.75 -3.25
CA THR B 294 10.93 10.10 -4.48
C THR B 294 11.97 9.02 -4.63
N ALA B 295 13.18 9.32 -4.13
CA ALA B 295 14.24 8.31 -4.18
C ALA B 295 13.76 7.03 -3.40
N SER B 296 12.99 7.18 -2.33
CA SER B 296 12.44 6.02 -1.61
C SER B 296 11.60 5.17 -2.53
N GLY B 297 10.68 5.79 -3.28
CA GLY B 297 9.89 5.02 -4.26
C GLY B 297 10.73 4.30 -5.28
N LEU B 298 11.72 5.00 -5.87
CA LEU B 298 12.56 4.38 -6.86
C LEU B 298 13.33 3.15 -6.30
N PHE B 299 13.79 3.29 -5.09
CA PHE B 299 14.53 2.26 -4.44
C PHE B 299 13.60 1.08 -4.04
N ALA B 300 12.40 1.38 -3.59
CA ALA B 300 11.40 0.36 -3.44
C ALA B 300 11.17 -0.49 -4.67
N ASP B 301 11.09 0.16 -5.84
CA ASP B 301 10.98 -0.49 -7.11
C ASP B 301 12.23 -1.30 -7.48
N LEU B 302 13.40 -0.81 -7.13
CA LEU B 302 14.61 -1.56 -7.44
C LEU B 302 14.62 -2.92 -6.60
N LEU B 303 14.23 -2.81 -5.33
CA LEU B 303 14.07 -3.97 -4.45
C LEU B 303 12.96 -4.94 -4.92
N ARG B 304 11.85 -4.39 -5.37
CA ARG B 304 10.81 -5.18 -6.03
C ARG B 304 11.41 -6.00 -7.22
N PHE B 305 12.15 -5.34 -8.09
CA PHE B 305 12.79 -5.96 -9.22
C PHE B 305 13.74 -7.08 -8.75
N LEU B 306 14.57 -6.76 -7.76
CA LEU B 306 15.52 -7.76 -7.24
C LEU B 306 14.84 -8.99 -6.58
N SER B 307 13.61 -8.81 -6.10
N SER B 307 13.61 -8.83 -6.11
CA SER B 307 12.80 -9.87 -5.53
CA SER B 307 12.87 -9.91 -5.53
C SER B 307 12.22 -10.83 -6.56
C SER B 307 12.17 -10.80 -6.56
N GLY B 308 12.37 -10.50 -7.85
CA GLY B 308 11.74 -11.20 -8.91
C GLY B 308 10.35 -10.80 -9.21
N ALA B 309 9.81 -9.69 -8.71
CA ALA B 309 8.50 -9.28 -9.07
C ALA B 309 8.57 -8.43 -10.39
N PRO B 310 7.53 -8.51 -11.21
CA PRO B 310 7.42 -7.66 -12.41
C PRO B 310 7.13 -6.25 -12.01
N GLY B 311 7.27 -5.33 -12.96
CA GLY B 311 6.71 -4.02 -12.76
C GLY B 311 5.21 -3.87 -12.62
N HIS B 312 4.75 -2.61 -12.68
CA HIS B 312 3.40 -2.30 -12.50
C HIS B 312 2.66 -2.61 -13.81
N LEU B 313 1.73 -3.54 -13.76
CA LEU B 313 0.93 -3.95 -14.89
C LEU B 313 -0.25 -3.09 -15.06
N PRO B 314 -0.55 -2.70 -16.33
CA PRO B 314 -1.86 -2.15 -16.61
C PRO B 314 -2.98 -3.17 -16.23
N ALA B 315 -4.16 -2.67 -15.96
CA ALA B 315 -5.40 -3.50 -15.89
C ALA B 315 -5.48 -4.46 -17.05
N PRO B 316 -5.77 -5.71 -16.75
CA PRO B 316 -5.70 -6.69 -17.89
C PRO B 316 -6.82 -6.58 -18.88
N ARG B 317 -7.84 -5.77 -18.59
CA ARG B 317 -8.87 -5.40 -19.56
C ARG B 317 -9.54 -4.14 -19.12
N ALA B 318 -10.28 -3.55 -20.03
CA ALA B 318 -11.14 -2.48 -19.70
C ALA B 318 -12.43 -3.06 -19.20
N ARG B 319 -13.06 -2.39 -18.26
CA ARG B 319 -14.38 -2.78 -17.81
C ARG B 319 -15.13 -1.58 -17.39
N PRO B 320 -16.48 -1.63 -17.58
CA PRO B 320 -17.30 -0.50 -17.24
C PRO B 320 -17.46 -0.34 -15.74
N PRO B 321 -17.89 0.83 -15.29
CA PRO B 321 -18.05 0.94 -13.88
C PRO B 321 -19.25 0.19 -13.28
N LEU B 322 -19.15 -0.23 -12.04
CA LEU B 322 -20.19 -0.89 -11.34
C LEU B 322 -21.30 0.05 -10.95
N GLU B 323 -20.93 1.20 -10.43
CA GLU B 323 -21.94 2.12 -9.89
C GLU B 323 -21.69 3.51 -10.48
N GLU B 324 -22.79 4.20 -10.76
CA GLU B 324 -22.83 5.61 -11.08
C GLU B 324 -22.31 6.38 -9.85
N GLY B 325 -21.41 7.33 -10.10
CA GLY B 325 -20.87 8.13 -9.01
C GLY B 325 -20.91 9.61 -9.32
N SER B 326 -20.20 10.34 -8.48
CA SER B 326 -19.91 11.75 -8.71
C SER B 326 -18.86 12.25 -7.71
N PRO B 327 -18.17 13.35 -8.06
CA PRO B 327 -17.30 13.96 -7.06
C PRO B 327 -18.09 14.90 -6.19
N TRP B 328 -17.33 15.50 -5.28
CA TRP B 328 -17.86 16.50 -4.39
C TRP B 328 -18.28 17.72 -5.22
N PRO B 329 -18.99 18.69 -4.58
CA PRO B 329 -19.32 19.93 -5.28
C PRO B 329 -18.04 20.70 -5.60
N GLY B 330 -17.86 21.11 -6.87
CA GLY B 330 -16.97 22.22 -7.22
C GLY B 330 -17.04 23.52 -6.39
N VAL B 331 -16.17 24.47 -6.75
CA VAL B 331 -16.12 25.77 -6.09
C VAL B 331 -16.86 26.88 -6.85
NA NA C . -3.93 -6.59 4.53
PA NAP D . -15.25 -18.96 10.64
O1A NAP D . -15.37 -19.89 11.84
O2A NAP D . -16.48 -18.22 10.20
O5B NAP D . -14.79 -20.16 9.63
C5B NAP D . -13.66 -21.06 9.78
C4B NAP D . -13.84 -22.29 8.78
O4B NAP D . -12.87 -23.25 8.96
C3B NAP D . -15.20 -23.09 8.80
O3B NAP D . -15.68 -23.69 7.57
C2B NAP D . -14.89 -24.29 9.66
O2B NAP D . -15.74 -25.41 9.46
C1B NAP D . -13.48 -24.57 9.23
N9A NAP D . -12.62 -25.27 10.25
C8A NAP D . -12.11 -24.72 11.39
N7A NAP D . -11.29 -25.55 12.01
C5A NAP D . -11.25 -26.68 11.29
C6A NAP D . -10.59 -28.01 11.40
N6A NAP D . -9.80 -28.26 12.46
N1A NAP D . -10.80 -28.97 10.43
C2A NAP D . -11.59 -28.71 9.35
N3A NAP D . -12.24 -27.51 9.19
C4A NAP D . -12.11 -26.48 10.10
O3 NAP D . -13.84 -18.30 10.73
PN NAP D . -13.53 -17.02 9.68
O1N NAP D . -14.02 -15.74 10.26
O2N NAP D . -13.88 -17.40 8.34
O5D NAP D . -12.03 -17.10 9.99
C5D NAP D . -11.08 -18.01 9.63
C4D NAP D . -9.67 -17.41 9.56
O4D NAP D . -9.66 -16.11 8.84
C3D NAP D . -8.92 -17.18 10.88
O3D NAP D . -7.51 -17.56 10.76
C2D NAP D . -9.02 -15.65 11.10
O2D NAP D . -8.01 -15.27 12.02
C1D NAP D . -8.92 -15.11 9.66
N1N NAP D . -9.44 -13.76 9.46
C2N NAP D . -10.73 -13.48 9.73
C3N NAP D . -11.26 -12.23 9.59
C7N NAP D . -12.67 -11.97 9.86
O7N NAP D . -12.97 -10.80 10.02
N7N NAP D . -13.63 -12.91 9.81
C4N NAP D . -10.43 -11.19 9.13
C5N NAP D . -9.12 -11.49 8.82
C6N NAP D . -8.62 -12.76 9.00
P2B NAP D . -17.26 -25.19 9.80
O1X NAP D . -17.92 -26.54 9.48
O2X NAP D . -17.38 -25.04 11.33
O3X NAP D . -17.80 -24.00 9.10
C FMT E . -3.79 -3.02 18.07
O1 FMT E . -2.86 -3.07 17.27
O2 FMT E . -5.07 -3.01 17.83
C FMT F . -14.46 -7.35 -12.18
O1 FMT F . -14.54 -8.46 -11.69
O2 FMT F . -13.36 -6.61 -11.96
C FMT G . -11.04 -33.61 -4.00
O1 FMT G . -9.84 -33.42 -3.85
O2 FMT G . -11.90 -33.20 -3.07
C FMT H . 19.06 2.46 18.62
O1 FMT H . 20.03 2.09 17.94
O2 FMT H . 18.37 1.54 19.33
C FMT I . 6.91 -24.78 14.09
O1 FMT I . 5.90 -25.35 13.85
O2 FMT I . 7.79 -24.70 13.11
C FMT J . 12.97 -18.81 11.91
O1 FMT J . 13.56 -19.68 11.26
O2 FMT J . 13.54 -17.59 11.99
N HSE K . -10.20 -10.64 15.09
CA HSE K . -9.19 -9.88 14.23
C HSE K . -9.48 -8.44 14.48
C3 HSE K . -9.19 -10.15 12.67
O HSE K . -8.78 -7.51 13.86
OXT HSE K . -10.35 -8.08 15.32
C4 HSE K . -7.96 -9.45 11.92
O3 HSE K . -6.94 -8.62 12.73
S CXS L . 3.81 -16.14 -14.82
O1 CXS L . 4.89 -16.37 -13.88
O2 CXS L . 3.73 -14.78 -15.25
O3 CXS L . 4.06 -17.03 -16.20
C1 CXS L . 2.32 -16.59 -14.17
C2 CXS L . 2.44 -17.45 -12.94
C3 CXS L . 1.11 -18.02 -12.54
N CXS L . 0.52 -19.01 -13.47
C4 CXS L . -0.55 -19.91 -13.04
C5 CXS L . -1.74 -19.95 -14.00
C6 CXS L . -2.72 -21.09 -13.67
C7 CXS L . -2.05 -22.47 -13.56
C8 CXS L . -1.07 -22.24 -12.39
C9 CXS L . 0.02 -21.30 -12.84
C1 GOL M . -13.48 -2.78 13.10
O1 GOL M . -13.47 -1.69 14.06
C2 GOL M . -13.09 -2.38 11.67
O2 GOL M . -12.20 -3.39 11.28
C3 GOL M . -14.24 -2.34 10.65
O3 GOL M . -14.04 -3.37 9.64
C10 UNL N . -18.54 -28.26 -9.01
C1 UNL N . -17.95 -31.66 -7.53
C01 UNL N . -21.02 -25.94 -7.97
C02 UNL N . -20.59 -26.75 -9.18
C03 UNL N . -21.80 -27.13 -9.97
C04 UNL N . -19.71 -25.86 -10.05
C05 UNL N . -19.88 -28.00 -8.77
C06 UNL N . -20.62 -29.00 -8.10
C07 UNL N . -20.00 -30.19 -7.68
C08 UNL N . -18.63 -30.39 -7.94
C09 UNL N . -17.91 -29.43 -8.62
O12 UNL N . -16.79 -31.55 -6.99
O2 UNL N . -18.62 -32.74 -7.75
NA NA O . 4.09 6.25 -5.05
PA NAP P . 15.57 18.28 -11.65
O1A NAP P . 15.45 19.30 -12.74
O2A NAP P . 16.04 18.60 -10.31
O5B NAP P . 16.52 17.17 -12.33
C5B NAP P . 16.50 16.89 -13.74
C4B NAP P . 17.75 16.12 -14.06
O4B NAP P . 17.75 15.64 -15.41
C3B NAP P . 18.97 17.02 -13.94
O3B NAP P . 20.15 16.29 -13.54
C2B NAP P . 19.18 17.57 -15.36
O2B NAP P . 20.56 17.83 -15.65
C1B NAP P . 18.72 16.41 -16.20
N9A NAP P . 18.08 16.77 -17.46
C8A NAP P . 16.91 17.48 -17.62
N7A NAP P . 16.57 17.43 -18.94
C5A NAP P . 17.54 16.76 -19.62
C6A NAP P . 17.85 16.37 -21.04
N6A NAP P . 17.08 16.68 -22.08
N1A NAP P . 18.95 15.62 -21.28
C2A NAP P . 19.77 15.21 -20.27
N3A NAP P . 19.59 15.54 -18.97
C4A NAP P . 18.50 16.28 -18.59
O3 NAP P . 14.11 17.53 -11.73
PN NAP P . 13.60 16.39 -10.63
O1N NAP P . 12.98 17.03 -9.49
O2N NAP P . 14.82 15.54 -10.23
O5D NAP P . 12.52 15.61 -11.52
C5D NAP P . 12.87 14.61 -12.41
C4D NAP P . 11.66 13.80 -12.61
O4D NAP P . 11.28 13.32 -11.35
C3D NAP P . 10.48 14.63 -13.20
O3D NAP P . 10.01 13.71 -14.19
C2D NAP P . 9.52 14.86 -12.12
O2D NAP P . 8.21 14.93 -12.69
C1D NAP P . 9.84 13.54 -11.33
N1N NAP P . 9.46 13.64 -9.97
C2N NAP P . 9.90 14.66 -9.19
C3N NAP P . 9.47 14.72 -7.91
C7N NAP P . 9.90 15.82 -7.05
O7N NAP P . 9.27 16.00 -6.04
N7N NAP P . 10.91 16.61 -7.42
C4N NAP P . 8.60 13.72 -7.38
C5N NAP P . 8.24 12.69 -8.19
C6N NAP P . 8.66 12.68 -9.49
P2B NAP P . 21.22 19.02 -14.77
O1X NAP P . 20.47 20.30 -14.92
O2X NAP P . 21.19 18.89 -13.21
O3X NAP P . 22.60 18.97 -15.44
C FMT Q . -4.94 16.75 -6.94
O1 FMT Q . -5.07 15.52 -7.18
O2 FMT Q . -3.91 17.19 -6.34
C FMT R . 16.94 10.12 -33.20
O1 FMT R . 16.10 9.51 -33.84
O2 FMT R . 16.52 10.95 -32.27
C FMT S . -2.30 2.70 -25.77
O1 FMT S . -1.65 1.96 -26.48
O2 FMT S . -3.41 2.19 -25.24
C FMT T . -3.39 35.82 -3.05
O1 FMT T . -2.63 35.20 -3.79
O2 FMT T . -4.62 36.12 -3.51
C FMT U . 23.68 17.18 -5.21
O1 FMT U . 22.63 17.86 -5.17
O2 FMT U . 23.87 16.48 -6.31
C FMT V . 30.90 13.36 -5.79
O1 FMT V . 31.33 12.24 -5.54
O2 FMT V . 31.70 14.40 -5.97
C FMT W . 3.99 7.94 -27.91
O1 FMT W . 3.45 6.86 -27.78
O2 FMT W . 5.16 7.86 -28.49
C FMT X . 8.53 -7.47 -3.21
O1 FMT X . 8.38 -6.25 -3.41
O2 FMT X . 7.98 -8.38 -4.03
C FMT Y . 1.61 38.65 -3.03
O1 FMT Y . 2.62 37.91 -2.84
O2 FMT Y . 0.69 38.43 -4.03
N HSE Z . 5.20 18.35 -8.95
CA HSE Z . 4.72 17.00 -8.46
C HSE Z . 3.87 17.26 -7.25
C3 HSE Z . 5.83 15.92 -8.23
O HSE Z . 3.82 18.41 -6.84
OXT HSE Z . 3.11 16.37 -6.72
C4 HSE Z . 5.34 14.55 -7.67
O3 HSE Z . 4.41 13.81 -8.47
C1 GOL AA . -10.33 -4.67 -10.32
O1 GOL AA . -9.29 -5.66 -10.07
C2 GOL AA . -10.06 -3.19 -10.05
O2 GOL AA . -10.35 -2.68 -8.68
C3 GOL AA . -11.07 -2.41 -10.91
O3 GOL AA . -12.49 -2.56 -10.62
#